data_8ZXW
#
_entry.id   8ZXW
#
_cell.length_a   54.351
_cell.length_b   67.841
_cell.length_c   71.341
_cell.angle_alpha   112.536
_cell.angle_beta   104.989
_cell.angle_gamma   98.313
#
_symmetry.space_group_name_H-M   'P 1'
#
loop_
_entity.id
_entity.type
_entity.pdbx_description
1 polymer 'Fab, heavy chain'
2 polymer 'Fab, light chain'
3 polymer 'RAC-gamma serine/threonine-protein kinase'
4 non-polymer GLYCEROL
5 non-polymer 'CHLORIDE ION'
6 water water
#
loop_
_entity_poly.entity_id
_entity_poly.type
_entity_poly.pdbx_seq_one_letter_code
_entity_poly.pdbx_strand_id
1 'polypeptide(L)'
;QSLEESGGRLVTPGTPLTLTCTVSGFSLNNNAMTWVRQAPGKGLEWIGLISRSGITHYANWAKGRFTISKTSTTVDLKIT
TSTTEDTATYFCARVDYDDYRDWGSFNVWGPGTLVTVSLGQPKAPSVFPLAPCCGDTPSSTVTLGCLVKGYLPEPVTVTW
NSGTLTNGVRTFPSVRQSSGLYSLSSVVSVTSSSQPVTCNVAHPATNTKVDKTVAPSTCSKPHHHHHH
;
H,A
2 'polypeptide(L)'
;AAVLTQTPSSVSSAVGGTVTINCQASQSLYNNKNLAWYQQKPGQRPKLLIYSASTLASGVPSRFSGSGSGTQFTLTINGV
QCDDAATYYCQGEFSCSSADCNAFGGGTEVVVKGDPVAPTVLIFPPAADQVATGTVTIVCVANKYFPDVTVTWEVDGTTQ
TTGIENSKTPQNSADCTYNLSSTLTLTSTQYNSHKEYTCKVTQGTTSVVQSFNRGDC
;
L,B
3 'polypeptide(L)' RPHFPQF(SEP)YSAS C,D
#
loop_
_chem_comp.id
_chem_comp.type
_chem_comp.name
_chem_comp.formula
CL non-polymer 'CHLORIDE ION' 'Cl -1'
GOL non-polymer GLYCEROL 'C3 H8 O3'
#
# COMPACT_ATOMS: atom_id res chain seq x y z
N GLN A 1 -11.23 30.25 18.94
CA GLN A 1 -11.87 29.05 19.53
C GLN A 1 -12.39 28.09 18.48
N SER A 2 -12.41 28.43 17.16
CA SER A 2 -12.71 27.43 16.15
C SER A 2 -11.96 27.72 14.84
N LEU A 3 -11.75 26.61 14.15
CA LEU A 3 -10.97 26.56 12.93
C LEU A 3 -11.81 25.87 11.86
N GLU A 4 -11.69 26.35 10.62
CA GLU A 4 -12.38 25.72 9.51
C GLU A 4 -11.52 25.75 8.26
N GLU A 5 -11.20 24.55 7.78
CA GLU A 5 -10.41 24.39 6.56
C GLU A 5 -11.31 24.42 5.33
N SER A 6 -10.78 24.94 4.23
CA SER A 6 -11.49 24.93 2.96
C SER A 6 -10.49 24.74 1.83
N GLY A 7 -11.02 24.38 0.66
CA GLY A 7 -10.23 24.30 -0.55
C GLY A 7 -10.04 22.86 -1.06
N GLY A 8 -10.43 21.87 -0.26
CA GLY A 8 -10.29 20.50 -0.71
C GLY A 8 -11.12 20.24 -1.96
N ARG A 9 -10.55 19.52 -2.91
CA ARG A 9 -11.24 19.23 -4.15
C ARG A 9 -10.45 18.13 -4.85
N LEU A 10 -10.98 17.70 -6.00
CA LEU A 10 -10.25 16.87 -6.92
C LEU A 10 -9.19 17.69 -7.63
N VAL A 11 -7.97 17.14 -7.64
CA VAL A 11 -6.77 17.80 -8.15
C VAL A 11 -6.13 16.87 -9.19
N THR A 12 -5.83 17.39 -10.36
CA THR A 12 -5.10 16.62 -11.36
C THR A 12 -3.65 16.47 -10.92
N PRO A 13 -3.04 15.26 -10.96
CA PRO A 13 -1.64 15.14 -10.60
C PRO A 13 -0.79 16.12 -11.41
N GLY A 14 0.11 16.77 -10.70
CA GLY A 14 1.07 17.67 -11.31
C GLY A 14 0.66 19.13 -11.19
N THR A 15 -0.54 19.41 -10.66
CA THR A 15 -1.02 20.77 -10.57
C THR A 15 -1.03 21.27 -9.14
N PRO A 16 -1.05 22.61 -8.97
CA PRO A 16 -0.97 23.21 -7.65
C PRO A 16 -2.32 23.27 -6.97
N LEU A 17 -2.27 23.40 -5.64
CA LEU A 17 -3.45 23.46 -4.79
C LEU A 17 -3.20 24.45 -3.67
N THR A 18 -4.18 25.32 -3.34
CA THR A 18 -4.13 26.13 -2.13
C THR A 18 -5.30 25.76 -1.22
N LEU A 19 -5.00 25.49 0.06
CA LEU A 19 -5.99 25.30 1.11
C LEU A 19 -5.95 26.51 2.04
N THR A 20 -7.08 26.78 2.70
CA THR A 20 -7.17 27.88 3.64
C THR A 20 -7.78 27.37 4.93
N CYS A 21 -7.29 27.90 6.05
CA CYS A 21 -7.82 27.67 7.38
C CYS A 21 -8.24 29.03 7.93
N THR A 22 -9.53 29.17 8.20
CA THR A 22 -10.13 30.41 8.67
C THR A 22 -10.31 30.25 10.18
N VAL A 23 -9.80 31.25 10.91
CA VAL A 23 -9.74 31.21 12.36
C VAL A 23 -10.79 32.13 12.95
N SER A 24 -11.53 31.64 13.94
CA SER A 24 -12.52 32.41 14.67
C SER A 24 -12.16 32.40 16.16
N GLY A 25 -12.10 33.57 16.77
CA GLY A 25 -12.02 33.69 18.21
C GLY A 25 -10.64 33.99 18.78
N PHE A 26 -9.61 34.00 17.94
CA PHE A 26 -8.30 34.46 18.34
C PHE A 26 -7.58 34.96 17.10
N SER A 27 -6.52 35.73 17.33
CA SER A 27 -5.71 36.29 16.26
C SER A 27 -4.45 35.45 16.08
N LEU A 28 -4.06 35.24 14.83
CA LEU A 28 -2.82 34.57 14.54
C LEU A 28 -1.59 35.41 14.91
N ASN A 29 -1.78 36.69 15.21
CA ASN A 29 -0.67 37.44 15.76
C ASN A 29 -0.18 36.84 17.09
N ASN A 30 -1.08 36.17 17.81
CA ASN A 30 -0.78 35.64 19.13
C ASN A 30 -0.69 34.11 19.17
N ASN A 31 -0.89 33.42 18.03
CA ASN A 31 -1.05 31.97 18.05
C ASN A 31 -0.39 31.35 16.83
N ALA A 32 0.54 30.44 17.07
CA ALA A 32 1.13 29.62 16.02
C ALA A 32 0.10 28.60 15.52
N MET A 33 0.26 28.22 14.24
CA MET A 33 -0.64 27.29 13.58
C MET A 33 0.15 26.23 12.82
N THR A 34 -0.45 25.05 12.68
CA THR A 34 0.19 23.95 11.96
C THR A 34 -0.80 23.26 11.03
N TRP A 35 -0.26 22.62 10.00
CA TRP A 35 -1.00 21.75 9.13
C TRP A 35 -0.55 20.31 9.32
N VAL A 36 -1.53 19.42 9.35
CA VAL A 36 -1.36 17.98 9.52
C VAL A 36 -2.25 17.33 8.49
N ARG A 37 -1.84 16.20 7.93
CA ARG A 37 -2.73 15.51 6.99
C ARG A 37 -2.85 14.04 7.37
N GLN A 38 -3.80 13.39 6.71
CA GLN A 38 -4.05 11.98 6.94
C GLN A 38 -4.61 11.37 5.67
N ALA A 39 -3.84 10.47 5.09
CA ALA A 39 -4.31 9.77 3.91
C ALA A 39 -5.41 8.82 4.32
N PRO A 40 -6.33 8.48 3.39
CA PRO A 40 -7.45 7.61 3.77
C PRO A 40 -6.98 6.28 4.33
N GLY A 41 -7.47 5.92 5.53
CA GLY A 41 -7.08 4.68 6.17
C GLY A 41 -5.67 4.69 6.79
N LYS A 42 -4.98 5.82 6.82
CA LYS A 42 -3.60 5.91 7.29
CA LYS A 42 -3.60 5.87 7.31
C LYS A 42 -3.50 6.83 8.50
N GLY A 43 -2.27 7.13 8.93
CA GLY A 43 -2.04 7.88 10.16
C GLY A 43 -1.87 9.37 9.93
N LEU A 44 -1.83 10.11 11.05
CA LEU A 44 -1.56 11.54 10.99
C LEU A 44 -0.11 11.77 10.58
N GLU A 45 0.11 12.83 9.81
CA GLU A 45 1.41 13.19 9.30
C GLU A 45 1.58 14.70 9.42
N TRP A 46 2.63 15.14 10.08
CA TRP A 46 2.92 16.54 10.26
C TRP A 46 3.48 17.13 8.96
N ILE A 47 3.00 18.32 8.58
CA ILE A 47 3.48 18.99 7.38
C ILE A 47 4.38 20.18 7.72
N GLY A 48 3.89 21.11 8.52
CA GLY A 48 4.69 22.28 8.85
C GLY A 48 3.88 23.21 9.73
N LEU A 49 4.51 24.30 10.16
CA LEU A 49 3.85 25.25 11.02
C LEU A 49 4.37 26.66 10.77
N ILE A 50 3.61 27.63 11.24
CA ILE A 50 4.00 29.03 11.17
C ILE A 50 3.88 29.67 12.55
N SER A 51 4.98 30.32 12.98
CA SER A 51 5.04 30.91 14.30
C SER A 51 4.26 32.22 14.33
N ARG A 52 4.14 32.81 15.52
CA ARG A 52 3.38 34.04 15.66
C ARG A 52 3.96 35.15 14.80
N SER A 53 5.29 35.24 14.75
CA SER A 53 5.97 36.27 13.98
C SER A 53 6.25 35.87 12.53
N GLY A 54 5.69 34.73 12.10
CA GLY A 54 5.71 34.36 10.70
C GLY A 54 6.90 33.47 10.30
N ILE A 55 7.58 32.83 11.25
CA ILE A 55 8.65 31.90 10.93
C ILE A 55 8.03 30.56 10.57
N THR A 56 8.43 30.00 9.43
CA THR A 56 7.88 28.72 8.99
C THR A 56 8.88 27.60 9.24
N HIS A 57 8.31 26.42 9.52
CA HIS A 57 9.07 25.20 9.73
C HIS A 57 8.31 24.08 9.03
N TYR A 58 9.03 23.26 8.28
CA TYR A 58 8.43 22.19 7.50
C TYR A 58 9.07 20.85 7.86
N ALA A 59 8.29 19.80 7.72
CA ALA A 59 8.86 18.46 7.71
C ALA A 59 9.83 18.36 6.54
N ASN A 60 10.93 17.63 6.74
CA ASN A 60 11.88 17.41 5.66
C ASN A 60 11.21 16.87 4.40
N TRP A 61 10.25 15.95 4.53
CA TRP A 61 9.59 15.35 3.36
C TRP A 61 8.83 16.40 2.54
N ALA A 62 8.40 17.50 3.18
CA ALA A 62 7.51 18.50 2.61
C ALA A 62 8.27 19.71 2.06
N LYS A 63 9.49 19.94 2.55
CA LYS A 63 10.24 21.14 2.22
C LYS A 63 10.29 21.31 0.70
N GLY A 64 10.04 22.54 0.27
CA GLY A 64 10.20 22.88 -1.13
C GLY A 64 8.97 22.59 -1.97
N ARG A 65 8.01 21.79 -1.48
CA ARG A 65 6.76 21.59 -2.21
C ARG A 65 5.54 22.16 -1.49
N PHE A 66 5.65 22.41 -0.19
CA PHE A 66 4.57 22.98 0.59
C PHE A 66 5.02 24.32 1.15
N THR A 67 4.13 25.31 1.10
CA THR A 67 4.39 26.64 1.58
C THR A 67 3.22 27.08 2.46
N ILE A 68 3.53 27.64 3.62
CA ILE A 68 2.53 28.20 4.51
C ILE A 68 2.69 29.72 4.52
N SER A 69 1.55 30.40 4.53
CA SER A 69 1.49 31.85 4.70
C SER A 69 0.27 32.16 5.57
N LYS A 70 0.18 33.39 6.08
CA LYS A 70 -0.97 33.72 6.90
C LYS A 70 -1.31 35.21 6.86
N THR A 71 -2.52 35.49 7.30
CA THR A 71 -2.96 36.82 7.75
C THR A 71 -3.24 36.69 9.25
N SER A 72 -3.84 37.72 9.86
CA SER A 72 -4.19 37.61 11.27
C SER A 72 -5.37 36.66 11.52
N THR A 73 -6.13 36.30 10.47
CA THR A 73 -7.34 35.50 10.64
C THR A 73 -7.38 34.24 9.78
N THR A 74 -6.35 34.01 8.95
CA THR A 74 -6.34 32.88 8.03
C THR A 74 -4.91 32.36 7.95
N VAL A 75 -4.80 31.07 7.66
CA VAL A 75 -3.52 30.49 7.35
C VAL A 75 -3.70 29.59 6.13
N ASP A 76 -2.78 29.70 5.17
CA ASP A 76 -2.89 28.95 3.94
C ASP A 76 -1.83 27.86 3.88
N LEU A 77 -2.12 26.84 3.04
CA LEU A 77 -1.16 25.80 2.67
C LEU A 77 -1.18 25.66 1.16
N LYS A 78 -0.07 25.96 0.49
CA LYS A 78 0.03 25.81 -0.95
CA LYS A 78 0.02 25.81 -0.95
C LYS A 78 0.90 24.61 -1.28
N ILE A 79 0.35 23.70 -2.10
CA ILE A 79 1.09 22.57 -2.62
C ILE A 79 1.53 22.95 -4.03
N THR A 80 2.84 22.97 -4.28
CA THR A 80 3.44 23.46 -5.52
C THR A 80 2.98 22.60 -6.68
N THR A 81 3.20 21.29 -6.52
CA THR A 81 2.93 20.27 -7.51
CA THR A 81 2.86 20.30 -7.53
C THR A 81 2.35 19.10 -6.74
N SER A 82 1.15 18.64 -7.08
CA SER A 82 0.50 17.58 -6.34
CA SER A 82 0.48 17.58 -6.34
C SER A 82 0.70 16.21 -6.98
N THR A 83 0.68 15.13 -6.16
CA THR A 83 0.74 13.76 -6.66
C THR A 83 -0.29 12.95 -5.91
N THR A 84 -0.50 11.73 -6.37
CA THR A 84 -1.52 10.85 -5.84
CA THR A 84 -1.58 10.92 -5.81
C THR A 84 -1.34 10.69 -4.32
N GLU A 85 -0.08 10.66 -3.86
CA GLU A 85 0.23 10.38 -2.47
CA GLU A 85 0.19 10.36 -2.46
C GLU A 85 -0.18 11.54 -1.55
N ASP A 86 -0.56 12.68 -2.14
CA ASP A 86 -1.03 13.83 -1.39
C ASP A 86 -2.53 13.75 -1.10
N THR A 87 -3.19 12.72 -1.60
CA THR A 87 -4.59 12.49 -1.29
C THR A 87 -4.73 12.26 0.21
N ALA A 88 -5.48 13.14 0.85
CA ALA A 88 -5.58 13.14 2.30
C ALA A 88 -6.62 14.16 2.74
N THR A 89 -7.04 14.00 4.00
CA THR A 89 -7.69 15.09 4.70
C THR A 89 -6.60 15.96 5.32
N TYR A 90 -6.72 17.26 5.16
CA TYR A 90 -5.79 18.26 5.64
C TYR A 90 -6.48 19.01 6.78
N PHE A 91 -5.82 19.04 7.94
CA PHE A 91 -6.29 19.71 9.14
C PHE A 91 -5.35 20.87 9.47
N CYS A 92 -5.95 21.97 9.93
CA CYS A 92 -5.19 22.98 10.61
C CYS A 92 -5.44 22.88 12.12
N ALA A 93 -4.43 23.31 12.88
CA ALA A 93 -4.48 23.19 14.33
C ALA A 93 -3.66 24.28 14.97
N ARG A 94 -4.11 24.72 16.14
CA ARG A 94 -3.32 25.63 16.95
C ARG A 94 -2.18 24.92 17.65
N VAL A 95 -1.01 25.54 17.66
CA VAL A 95 0.17 25.02 18.33
C VAL A 95 0.26 25.66 19.71
N ASP A 96 0.35 24.83 20.76
CA ASP A 96 0.14 25.29 22.12
C ASP A 96 1.44 25.70 22.80
N TYR A 97 1.83 26.96 22.59
CA TYR A 97 2.93 27.57 23.34
C TYR A 97 2.65 29.05 23.52
N ASP A 98 3.31 29.62 24.53
CA ASP A 98 3.29 31.04 24.82
C ASP A 98 4.73 31.50 25.05
N ASP A 99 4.91 32.74 25.57
CA ASP A 99 6.24 33.24 25.82
C ASP A 99 6.92 32.66 27.05
N TYR A 100 6.21 31.88 27.85
CA TYR A 100 6.80 31.32 29.05
C TYR A 100 7.10 29.84 28.90
N ARG A 101 6.24 29.08 28.24
CA ARG A 101 6.49 27.66 28.08
C ARG A 101 5.89 27.18 26.77
N ASP A 102 6.40 26.03 26.33
CA ASP A 102 5.91 25.33 25.17
C ASP A 102 5.33 24.01 25.62
N TRP A 103 4.02 23.86 25.49
CA TRP A 103 3.35 22.64 25.93
C TRP A 103 3.51 21.50 24.94
N GLY A 104 3.93 21.79 23.70
CA GLY A 104 4.30 20.75 22.76
C GLY A 104 3.20 20.25 21.84
N SER A 105 1.96 20.53 22.19
CA SER A 105 0.80 19.89 21.58
C SER A 105 0.10 20.81 20.58
N PHE A 106 -0.89 20.22 19.88
CA PHE A 106 -1.78 20.95 19.00
C PHE A 106 -3.17 20.83 19.61
N ASN A 107 -3.73 21.91 20.16
CA ASN A 107 -4.84 21.75 21.09
C ASN A 107 -6.18 22.24 20.56
N VAL A 108 -6.24 22.76 19.35
CA VAL A 108 -7.49 23.17 18.69
C VAL A 108 -7.32 22.66 17.26
N TRP A 109 -8.31 21.95 16.73
CA TRP A 109 -8.27 21.40 15.39
C TRP A 109 -9.52 21.77 14.61
N GLY A 110 -9.37 21.97 13.27
CA GLY A 110 -10.51 22.06 12.40
C GLY A 110 -11.07 20.69 12.04
N PRO A 111 -12.22 20.66 11.35
CA PRO A 111 -12.82 19.40 10.87
C PRO A 111 -12.06 18.71 9.76
N GLY A 112 -11.21 19.47 9.07
CA GLY A 112 -10.45 18.95 7.94
C GLY A 112 -11.12 19.27 6.61
N THR A 113 -10.30 19.32 5.56
CA THR A 113 -10.81 19.42 4.19
C THR A 113 -10.15 18.32 3.36
N LEU A 114 -10.93 17.69 2.49
CA LEU A 114 -10.48 16.51 1.77
C LEU A 114 -9.90 16.91 0.43
N VAL A 115 -8.66 16.47 0.19
CA VAL A 115 -7.94 16.66 -1.07
C VAL A 115 -7.86 15.31 -1.78
N THR A 116 -8.26 15.29 -3.06
CA THR A 116 -8.22 14.04 -3.83
C THR A 116 -7.34 14.31 -5.05
N VAL A 117 -6.14 13.74 -5.07
CA VAL A 117 -5.26 13.92 -6.20
C VAL A 117 -5.38 12.67 -7.07
N SER A 118 -5.99 12.83 -8.23
CA SER A 118 -6.40 11.69 -9.01
C SER A 118 -6.68 12.13 -10.43
N LEU A 119 -6.50 11.24 -11.38
CA LEU A 119 -7.13 11.44 -12.66
C LEU A 119 -8.64 11.30 -12.48
N GLY A 120 -9.36 11.80 -13.47
CA GLY A 120 -10.81 11.81 -13.44
C GLY A 120 -11.35 13.22 -13.45
N GLN A 121 -12.67 13.31 -13.69
CA GLN A 121 -13.39 14.56 -13.58
C GLN A 121 -14.44 14.38 -12.50
N PRO A 122 -14.91 15.49 -11.90
CA PRO A 122 -16.00 15.39 -10.93
C PRO A 122 -17.17 14.65 -11.59
N LYS A 123 -17.76 13.72 -10.82
CA LYS A 123 -18.85 12.88 -11.28
C LYS A 123 -19.89 12.79 -10.17
N ALA A 124 -21.13 13.13 -10.53
CA ALA A 124 -22.24 13.15 -9.58
C ALA A 124 -22.69 11.72 -9.32
N PRO A 125 -23.17 11.42 -8.09
CA PRO A 125 -23.65 10.09 -7.80
C PRO A 125 -24.95 9.74 -8.51
N SER A 126 -25.08 8.45 -8.76
CA SER A 126 -26.36 7.82 -9.08
C SER A 126 -26.98 7.33 -7.78
N VAL A 127 -28.25 7.66 -7.55
CA VAL A 127 -28.92 7.32 -6.31
C VAL A 127 -30.05 6.34 -6.63
N PHE A 128 -30.05 5.19 -5.95
CA PHE A 128 -31.06 4.16 -6.17
C PHE A 128 -31.72 3.83 -4.86
N PRO A 129 -33.06 3.65 -4.83
CA PRO A 129 -33.70 3.18 -3.61
C PRO A 129 -33.32 1.76 -3.25
N LEU A 130 -33.36 1.49 -1.93
CA LEU A 130 -33.17 0.19 -1.33
C LEU A 130 -34.45 -0.15 -0.56
N ALA A 131 -35.04 -1.29 -0.92
CA ALA A 131 -36.26 -1.76 -0.30
C ALA A 131 -36.28 -3.27 -0.38
N PRO A 132 -36.88 -3.96 0.60
CA PRO A 132 -36.96 -5.42 0.54
C PRO A 132 -37.78 -5.89 -0.65
N CYS A 133 -37.45 -7.10 -1.08
CA CYS A 133 -38.32 -7.88 -1.94
C CYS A 133 -39.71 -8.00 -1.31
N CYS A 134 -40.76 -7.84 -2.12
CA CYS A 134 -42.14 -7.98 -1.65
C CYS A 134 -42.31 -9.25 -0.78
N PRO A 138 -47.96 -6.77 4.61
CA PRO A 138 -46.94 -5.81 5.01
C PRO A 138 -46.24 -6.26 6.28
N SER A 139 -44.90 -6.06 6.33
CA SER A 139 -44.12 -6.28 7.53
C SER A 139 -44.25 -5.08 8.46
N SER A 140 -44.19 -5.34 9.78
CA SER A 140 -44.39 -4.32 10.81
C SER A 140 -43.23 -3.34 10.87
N THR A 141 -41.99 -3.84 10.73
CA THR A 141 -40.80 -3.00 10.86
C THR A 141 -39.92 -3.27 9.66
N VAL A 142 -39.47 -2.20 8.99
CA VAL A 142 -38.87 -2.36 7.68
C VAL A 142 -37.68 -1.41 7.59
N THR A 143 -36.63 -1.88 6.96
CA THR A 143 -35.49 -1.02 6.69
C THR A 143 -35.51 -0.66 5.22
N LEU A 144 -35.39 0.65 4.97
CA LEU A 144 -35.34 1.21 3.63
C LEU A 144 -34.02 1.95 3.49
N GLY A 145 -33.66 2.37 2.29
CA GLY A 145 -32.40 3.06 2.14
C GLY A 145 -32.18 3.66 0.76
N CYS A 146 -30.97 4.19 0.58
CA CYS A 146 -30.53 4.71 -0.70
C CYS A 146 -29.09 4.27 -0.91
N LEU A 147 -28.81 3.73 -2.09
CA LEU A 147 -27.49 3.42 -2.56
C LEU A 147 -27.00 4.60 -3.38
N VAL A 148 -25.81 5.12 -3.04
CA VAL A 148 -25.23 6.31 -3.62
C VAL A 148 -23.95 5.87 -4.30
N LYS A 149 -23.97 5.77 -5.65
CA LYS A 149 -23.01 4.99 -6.40
C LYS A 149 -22.29 5.88 -7.42
N GLY A 150 -20.98 5.65 -7.60
CA GLY A 150 -20.26 6.17 -8.75
C GLY A 150 -19.93 7.66 -8.71
N TYR A 151 -19.55 8.19 -7.56
CA TYR A 151 -19.24 9.62 -7.49
C TYR A 151 -17.74 9.85 -7.30
N LEU A 152 -17.32 11.06 -7.65
CA LEU A 152 -15.93 11.49 -7.48
C LEU A 152 -15.90 13.00 -7.42
N PRO A 153 -15.15 13.67 -6.52
CA PRO A 153 -14.50 13.09 -5.33
C PRO A 153 -15.50 12.89 -4.21
N GLU A 154 -15.03 12.33 -3.10
CA GLU A 154 -15.71 12.54 -1.83
C GLU A 154 -15.69 14.02 -1.44
N PRO A 155 -16.61 14.53 -0.57
CA PRO A 155 -17.68 13.74 0.02
C PRO A 155 -19.04 13.90 -0.66
N VAL A 156 -19.96 13.02 -0.28
CA VAL A 156 -21.38 13.32 -0.37
C VAL A 156 -21.90 13.50 1.05
N THR A 157 -23.05 14.17 1.16
CA THR A 157 -23.79 14.19 2.41
C THR A 157 -25.15 13.59 2.14
N VAL A 158 -25.57 12.68 3.03
CA VAL A 158 -26.87 12.05 2.95
C VAL A 158 -27.65 12.45 4.19
N THR A 159 -28.84 13.00 3.97
CA THR A 159 -29.78 13.23 5.06
C THR A 159 -31.07 12.52 4.72
N TRP A 160 -31.95 12.43 5.72
CA TRP A 160 -33.28 11.87 5.54
C TRP A 160 -34.30 12.90 5.98
N ASN A 161 -35.32 13.08 5.14
CA ASN A 161 -36.38 14.05 5.39
C ASN A 161 -35.75 15.39 5.79
N SER A 162 -34.78 15.84 4.98
CA SER A 162 -34.19 17.16 5.12
C SER A 162 -33.54 17.33 6.50
N GLY A 163 -33.11 16.22 7.10
CA GLY A 163 -32.36 16.26 8.35
C GLY A 163 -33.24 16.12 9.58
N THR A 164 -34.56 15.99 9.40
CA THR A 164 -35.50 15.92 10.51
C THR A 164 -35.77 14.46 10.92
N LEU A 165 -35.32 13.50 10.10
CA LEU A 165 -35.38 12.08 10.44
C LEU A 165 -33.96 11.62 10.78
N THR A 166 -33.82 11.21 12.05
CA THR A 166 -32.53 11.05 12.69
C THR A 166 -32.42 9.65 13.29
N ASN A 167 -33.45 9.25 14.03
CA ASN A 167 -33.38 8.01 14.76
C ASN A 167 -33.52 6.88 13.74
N GLY A 168 -32.68 5.85 13.93
CA GLY A 168 -32.75 4.67 13.12
C GLY A 168 -32.01 4.81 11.79
N VAL A 169 -31.11 5.81 11.65
CA VAL A 169 -30.34 6.00 10.42
C VAL A 169 -28.95 5.39 10.57
N ARG A 170 -28.48 4.64 9.57
CA ARG A 170 -27.11 4.17 9.50
C ARG A 170 -26.56 4.51 8.12
N THR A 171 -25.57 5.41 8.07
CA THR A 171 -24.94 5.80 6.84
C THR A 171 -23.53 5.22 6.87
N PHE A 172 -23.26 4.26 5.99
CA PHE A 172 -22.02 3.51 6.05
C PHE A 172 -20.88 4.34 5.50
N PRO A 173 -19.63 4.07 5.95
CA PRO A 173 -18.48 4.73 5.35
C PRO A 173 -18.44 4.44 3.85
N SER A 174 -17.99 5.44 3.10
CA SER A 174 -17.76 5.27 1.67
C SER A 174 -16.67 4.24 1.41
N VAL A 175 -16.74 3.59 0.24
CA VAL A 175 -15.66 2.76 -0.21
C VAL A 175 -15.26 3.21 -1.61
N ARG A 176 -13.94 3.26 -1.85
CA ARG A 176 -13.45 3.62 -3.17
C ARG A 176 -13.31 2.33 -3.97
N GLN A 177 -14.04 2.27 -5.10
CA GLN A 177 -14.01 1.11 -5.98
C GLN A 177 -12.72 1.10 -6.78
N SER A 178 -12.43 -0.03 -7.44
CA SER A 178 -11.19 -0.16 -8.18
C SER A 178 -11.14 0.83 -9.34
N SER A 179 -12.31 1.27 -9.81
CA SER A 179 -12.45 2.32 -10.81
C SER A 179 -11.93 3.67 -10.35
N GLY A 180 -11.85 3.87 -9.03
CA GLY A 180 -11.55 5.20 -8.51
C GLY A 180 -12.80 5.97 -8.11
N LEU A 181 -14.00 5.45 -8.43
CA LEU A 181 -15.22 6.06 -7.98
C LEU A 181 -15.57 5.52 -6.61
N TYR A 182 -16.44 6.26 -5.95
CA TYR A 182 -16.88 5.95 -4.59
C TYR A 182 -18.35 5.55 -4.56
N SER A 183 -18.68 4.77 -3.52
CA SER A 183 -20.05 4.34 -3.29
CA SER A 183 -20.07 4.37 -3.28
C SER A 183 -20.31 4.23 -1.78
N LEU A 184 -21.55 4.48 -1.38
CA LEU A 184 -22.01 4.18 -0.03
C LEU A 184 -23.51 3.95 -0.03
N SER A 185 -23.97 3.32 1.05
CA SER A 185 -25.41 3.21 1.27
C SER A 185 -25.75 3.85 2.61
N SER A 186 -26.97 4.35 2.68
CA SER A 186 -27.58 4.83 3.90
C SER A 186 -28.92 4.13 4.08
N VAL A 187 -29.19 3.63 5.28
CA VAL A 187 -30.43 2.93 5.56
C VAL A 187 -31.10 3.53 6.78
N VAL A 188 -32.43 3.38 6.81
CA VAL A 188 -33.23 3.90 7.90
C VAL A 188 -34.29 2.85 8.26
N SER A 189 -34.48 2.64 9.56
CA SER A 189 -35.51 1.74 10.05
CA SER A 189 -35.50 1.74 10.08
C SER A 189 -36.77 2.55 10.31
N VAL A 190 -37.86 2.08 9.73
CA VAL A 190 -39.14 2.71 9.97
C VAL A 190 -40.09 1.59 10.38
N THR A 191 -41.35 1.91 10.56
CA THR A 191 -42.38 0.96 10.87
C THR A 191 -43.48 1.10 9.84
N SER A 192 -44.44 0.18 9.92
CA SER A 192 -45.45 0.11 8.89
C SER A 192 -46.41 1.30 8.96
N SER A 193 -46.45 2.01 10.09
CA SER A 193 -47.28 3.20 10.21
C SER A 193 -46.63 4.43 9.59
N SER A 194 -45.35 4.34 9.19
CA SER A 194 -44.59 5.50 8.74
CA SER A 194 -44.58 5.49 8.74
C SER A 194 -45.08 6.00 7.38
N GLN A 195 -44.88 7.28 7.14
CA GLN A 195 -45.02 7.82 5.80
C GLN A 195 -43.76 7.50 4.99
N PRO A 196 -43.77 7.72 3.66
CA PRO A 196 -42.57 7.52 2.87
C PRO A 196 -41.41 8.37 3.41
N VAL A 197 -40.20 7.86 3.26
CA VAL A 197 -38.99 8.52 3.71
C VAL A 197 -38.20 8.97 2.49
N THR A 198 -37.56 10.14 2.59
CA THR A 198 -36.84 10.69 1.46
C THR A 198 -35.36 10.85 1.83
N CYS A 199 -34.48 10.26 1.03
CA CYS A 199 -33.06 10.52 1.21
C CYS A 199 -32.67 11.71 0.36
N ASN A 200 -31.86 12.62 0.94
CA ASN A 200 -31.38 13.81 0.28
C ASN A 200 -29.88 13.65 0.11
N VAL A 201 -29.42 13.57 -1.14
CA VAL A 201 -28.02 13.28 -1.44
C VAL A 201 -27.38 14.50 -2.09
N ALA A 202 -26.42 15.11 -1.39
CA ALA A 202 -25.74 16.30 -1.90
C ALA A 202 -24.30 15.93 -2.25
N HIS A 203 -23.84 16.47 -3.39
CA HIS A 203 -22.49 16.26 -3.86
C HIS A 203 -21.94 17.63 -4.20
N PRO A 204 -21.28 18.31 -3.25
CA PRO A 204 -20.80 19.67 -3.45
C PRO A 204 -19.94 19.83 -4.70
N ALA A 205 -19.08 18.84 -5.00
CA ALA A 205 -18.16 18.98 -6.13
C ALA A 205 -18.91 19.19 -7.45
N THR A 206 -20.14 18.69 -7.58
CA THR A 206 -20.89 18.83 -8.82
C THR A 206 -22.10 19.73 -8.62
N ASN A 207 -22.21 20.35 -7.45
CA ASN A 207 -23.35 21.21 -7.12
C ASN A 207 -24.65 20.47 -7.38
N THR A 208 -24.73 19.20 -6.98
CA THR A 208 -25.93 18.42 -7.19
C THR A 208 -26.58 18.10 -5.86
N LYS A 209 -27.91 18.01 -5.92
CA LYS A 209 -28.74 17.59 -4.80
C LYS A 209 -29.88 16.75 -5.38
N VAL A 210 -29.97 15.50 -4.96
CA VAL A 210 -30.96 14.58 -5.49
C VAL A 210 -31.73 13.98 -4.32
N ASP A 211 -33.06 13.92 -4.48
CA ASP A 211 -33.95 13.27 -3.53
C ASP A 211 -34.49 11.98 -4.13
N LYS A 212 -34.60 10.94 -3.29
CA LYS A 212 -35.32 9.73 -3.65
C LYS A 212 -36.26 9.39 -2.49
N THR A 213 -37.55 9.25 -2.81
CA THR A 213 -38.53 8.86 -1.82
C THR A 213 -38.73 7.35 -1.89
N VAL A 214 -38.71 6.71 -0.71
CA VAL A 214 -38.73 5.26 -0.61
C VAL A 214 -39.86 4.84 0.36
N ALA A 215 -40.53 3.76 -0.01
CA ALA A 215 -41.58 3.16 0.80
C ALA A 215 -41.55 1.66 0.55
N PRO A 216 -42.06 0.84 1.51
CA PRO A 216 -42.05 -0.62 1.36
C PRO A 216 -42.75 -1.05 0.07
N ALA B 1 17.09 12.24 11.46
CA ALA B 1 15.61 12.34 11.54
C ALA B 1 15.14 11.89 12.92
N ALA B 2 13.82 12.08 13.15
CA ALA B 2 13.19 11.80 14.42
C ALA B 2 11.81 11.17 14.21
N VAL B 3 11.60 10.04 14.85
CA VAL B 3 10.36 9.31 14.70
C VAL B 3 9.91 8.78 16.05
N LEU B 4 8.63 8.42 16.07
CA LEU B 4 8.00 7.78 17.21
C LEU B 4 7.49 6.42 16.75
N THR B 5 7.95 5.38 17.44
CA THR B 5 7.52 4.02 17.14
C THR B 5 6.42 3.66 18.14
N GLN B 6 5.20 3.57 17.62
CA GLN B 6 4.02 3.35 18.45
C GLN B 6 3.60 1.89 18.35
N THR B 7 3.42 1.28 19.52
CA THR B 7 2.99 -0.11 19.58
C THR B 7 1.91 -0.25 20.64
N PRO B 8 0.99 -1.21 20.49
CA PRO B 8 0.81 -2.05 19.31
C PRO B 8 0.13 -1.27 18.18
N SER B 9 0.02 -1.83 16.99
CA SER B 9 -0.73 -1.21 15.92
C SER B 9 -2.23 -1.41 16.13
N SER B 10 -2.63 -2.48 16.82
CA SER B 10 -4.03 -2.69 17.15
CA SER B 10 -4.03 -2.79 17.08
C SER B 10 -4.13 -3.54 18.40
N VAL B 11 -5.25 -3.37 19.10
CA VAL B 11 -5.49 -4.13 20.30
C VAL B 11 -6.99 -4.18 20.53
N SER B 12 -7.47 -5.29 21.11
CA SER B 12 -8.86 -5.45 21.50
CA SER B 12 -8.86 -5.44 21.49
C SER B 12 -8.92 -5.62 23.01
N SER B 13 -9.82 -4.90 23.68
CA SER B 13 -9.99 -5.00 25.13
C SER B 13 -11.44 -5.17 25.52
N ALA B 14 -11.75 -6.07 26.48
CA ALA B 14 -13.10 -6.09 27.06
C ALA B 14 -13.38 -4.77 27.78
N VAL B 15 -14.66 -4.40 27.83
CA VAL B 15 -15.16 -3.33 28.68
C VAL B 15 -14.66 -3.57 30.09
N GLY B 16 -14.09 -2.52 30.69
CA GLY B 16 -13.59 -2.60 32.04
C GLY B 16 -12.12 -2.99 32.09
N GLY B 17 -11.55 -3.40 30.98
CA GLY B 17 -10.14 -3.75 30.95
C GLY B 17 -9.28 -2.51 30.91
N THR B 18 -7.98 -2.74 30.89
CA THR B 18 -6.97 -1.71 30.84
C THR B 18 -6.14 -1.90 29.58
N VAL B 19 -5.94 -0.77 28.90
CA VAL B 19 -5.16 -0.72 27.66
C VAL B 19 -4.00 0.24 27.88
N THR B 20 -2.77 -0.19 27.64
CA THR B 20 -1.62 0.70 27.64
C THR B 20 -1.03 0.65 26.23
N ILE B 21 -0.71 1.83 25.69
CA ILE B 21 -0.11 2.03 24.38
C ILE B 21 1.25 2.67 24.59
N ASN B 22 2.24 2.22 23.82
CA ASN B 22 3.62 2.62 23.99
C ASN B 22 4.08 3.49 22.81
N CYS B 23 4.85 4.52 23.14
CA CYS B 23 5.49 5.38 22.16
CA CYS B 23 5.52 5.30 22.11
C CYS B 23 6.98 5.49 22.47
N GLN B 24 7.84 5.01 21.56
CA GLN B 24 9.28 5.10 21.76
C GLN B 24 9.87 6.09 20.76
N ALA B 25 10.48 7.16 21.26
CA ALA B 25 11.08 8.17 20.40
C ALA B 25 12.48 7.71 20.00
N SER B 26 12.88 8.05 18.76
CA SER B 26 14.20 7.65 18.28
C SER B 26 15.31 8.59 18.78
N GLN B 27 14.92 9.74 19.34
CA GLN B 27 15.83 10.67 19.99
C GLN B 27 15.04 11.36 21.09
N SER B 28 15.70 12.02 22.04
CA SER B 28 15.05 12.71 23.15
CA SER B 28 15.00 12.65 23.14
C SER B 28 14.12 13.79 22.63
N LEU B 29 13.01 14.01 23.34
CA LEU B 29 12.03 15.01 22.96
C LEU B 29 12.44 16.40 23.45
N TYR B 30 11.90 17.40 22.76
CA TYR B 30 12.00 18.76 23.24
C TYR B 30 11.45 18.84 24.66
N ASN B 31 12.22 19.52 25.53
CA ASN B 31 11.86 19.70 26.92
CA ASN B 31 11.87 19.71 26.93
C ASN B 31 11.80 18.37 27.67
N ASN B 32 12.36 17.30 27.07
CA ASN B 32 12.39 15.96 27.66
C ASN B 32 11.03 15.27 27.71
N LYS B 33 9.92 16.00 27.74
CA LYS B 33 8.62 15.39 28.02
C LYS B 33 7.50 15.87 27.11
N ASN B 34 7.82 16.55 26.01
CA ASN B 34 6.74 17.08 25.16
C ASN B 34 6.25 16.03 24.17
N LEU B 35 5.46 15.09 24.73
CA LEU B 35 4.80 14.01 24.07
C LEU B 35 3.33 14.15 24.40
N ALA B 36 2.51 14.19 23.35
CA ALA B 36 1.06 14.32 23.48
C ALA B 36 0.38 13.10 22.90
N TRP B 37 -0.85 12.87 23.35
CA TRP B 37 -1.67 11.79 22.86
C TRP B 37 -3.00 12.33 22.39
N TYR B 38 -3.45 11.81 21.23
CA TYR B 38 -4.71 12.18 20.62
C TYR B 38 -5.61 10.96 20.43
N GLN B 39 -6.92 11.19 20.56
CA GLN B 39 -7.95 10.23 20.19
C GLN B 39 -8.57 10.66 18.88
N GLN B 40 -8.85 9.70 18.01
CA GLN B 40 -9.53 10.01 16.77
C GLN B 40 -10.62 8.97 16.55
N LYS B 41 -11.86 9.43 16.69
CA LYS B 41 -13.00 8.61 16.35
C LYS B 41 -13.07 8.55 14.83
N PRO B 42 -13.51 7.43 14.25
CA PRO B 42 -13.55 7.32 12.79
C PRO B 42 -14.31 8.45 12.10
N GLY B 43 -13.66 9.07 11.12
CA GLY B 43 -14.24 10.13 10.34
C GLY B 43 -14.21 11.50 11.01
N GLN B 44 -13.66 11.58 12.23
CA GLN B 44 -13.64 12.81 12.99
C GLN B 44 -12.22 13.34 13.11
N ARG B 45 -12.10 14.58 13.57
CA ARG B 45 -10.79 15.19 13.77
C ARG B 45 -10.14 14.64 15.04
N PRO B 46 -8.80 14.70 15.13
CA PRO B 46 -8.14 14.32 16.38
C PRO B 46 -8.51 15.22 17.54
N LYS B 47 -8.53 14.64 18.75
CA LYS B 47 -8.79 15.33 19.99
C LYS B 47 -7.65 15.07 20.95
N LEU B 48 -7.11 16.15 21.50
CA LEU B 48 -6.02 16.03 22.46
C LEU B 48 -6.51 15.42 23.76
N LEU B 49 -5.80 14.38 24.23
CA LEU B 49 -6.09 13.73 25.51
C LEU B 49 -5.12 14.14 26.61
N ILE B 50 -3.83 14.06 26.30
CA ILE B 50 -2.73 14.20 27.23
C ILE B 50 -1.66 15.04 26.56
N TYR B 51 -1.03 15.95 27.29
CA TYR B 51 0.13 16.67 26.80
C TYR B 51 1.20 16.72 27.88
N SER B 52 2.41 17.07 27.48
CA SER B 52 3.53 17.10 28.41
C SER B 52 3.67 15.75 29.13
N ALA B 53 3.40 14.67 28.39
CA ALA B 53 3.54 13.28 28.81
C ALA B 53 2.41 12.83 29.74
N SER B 54 1.98 13.69 30.67
CA SER B 54 1.11 13.24 31.75
C SER B 54 -0.03 14.19 32.10
N THR B 55 -0.13 15.36 31.45
CA THR B 55 -1.18 16.32 31.83
C THR B 55 -2.45 16.01 31.04
N LEU B 56 -3.54 15.79 31.77
CA LEU B 56 -4.85 15.58 31.14
CA LEU B 56 -4.86 15.58 31.18
C LEU B 56 -5.36 16.89 30.56
N ALA B 57 -5.75 16.85 29.29
CA ALA B 57 -6.31 18.00 28.63
C ALA B 57 -7.76 18.23 29.06
N SER B 58 -8.23 19.39 28.62
CA SER B 58 -9.61 19.82 28.70
C SER B 58 -10.58 18.80 28.11
N GLY B 59 -11.60 18.50 28.90
CA GLY B 59 -12.71 17.66 28.46
C GLY B 59 -12.35 16.18 28.33
N VAL B 60 -11.38 15.70 29.14
CA VAL B 60 -10.94 14.34 29.04
C VAL B 60 -11.26 13.62 30.34
N PRO B 61 -11.93 12.47 30.28
CA PRO B 61 -12.22 11.70 31.49
C PRO B 61 -10.98 11.18 32.19
N SER B 62 -11.12 10.97 33.50
CA SER B 62 -10.02 10.62 34.37
C SER B 62 -9.46 9.23 34.10
N ARG B 63 -10.18 8.39 33.34
CA ARG B 63 -9.67 7.05 33.05
C ARG B 63 -8.49 7.09 32.09
N PHE B 64 -8.25 8.21 31.44
CA PHE B 64 -7.06 8.40 30.61
C PHE B 64 -5.91 8.94 31.45
N SER B 65 -4.72 8.38 31.28
CA SER B 65 -3.53 8.89 31.93
C SER B 65 -2.33 8.62 31.03
N GLY B 66 -1.28 9.38 31.26
CA GLY B 66 -0.05 9.18 30.51
C GLY B 66 1.15 9.26 31.44
N SER B 67 2.23 8.60 31.02
CA SER B 67 3.45 8.63 31.77
CA SER B 67 3.45 8.56 31.78
C SER B 67 4.64 8.55 30.83
N GLY B 68 5.80 9.00 31.30
CA GLY B 68 7.05 8.76 30.60
C GLY B 68 7.92 9.99 30.65
N SER B 69 9.11 9.81 30.08
CA SER B 69 10.10 10.87 29.97
C SER B 69 11.19 10.38 29.03
N GLY B 70 11.90 11.34 28.45
CA GLY B 70 13.06 11.02 27.65
C GLY B 70 12.64 10.43 26.30
N THR B 71 12.71 9.09 26.16
CA THR B 71 12.32 8.44 24.92
C THR B 71 11.18 7.41 25.05
N GLN B 72 10.71 7.06 26.26
CA GLN B 72 9.68 6.04 26.40
C GLN B 72 8.46 6.63 27.10
N PHE B 73 7.31 6.54 26.42
CA PHE B 73 6.07 7.14 26.90
C PHE B 73 4.92 6.15 26.75
N THR B 74 3.94 6.29 27.62
CA THR B 74 2.77 5.44 27.56
C THR B 74 1.50 6.25 27.80
N LEU B 75 0.42 5.73 27.21
CA LEU B 75 -0.96 6.14 27.45
C LEU B 75 -1.69 4.94 28.02
N THR B 76 -2.46 5.15 29.09
CA THR B 76 -3.24 4.07 29.68
C THR B 76 -4.69 4.51 29.71
N ILE B 77 -5.57 3.58 29.33
CA ILE B 77 -7.00 3.72 29.54
C ILE B 77 -7.36 2.73 30.65
N ASN B 78 -7.74 3.27 31.81
CA ASN B 78 -8.04 2.51 33.00
CA ASN B 78 -8.03 2.46 32.99
C ASN B 78 -9.54 2.26 33.14
N GLY B 79 -9.99 1.13 32.63
CA GLY B 79 -11.41 0.80 32.61
C GLY B 79 -12.03 1.25 31.29
N VAL B 80 -11.70 0.55 30.23
N VAL B 80 -11.68 0.53 30.24
CA VAL B 80 -12.13 0.95 28.90
CA VAL B 80 -12.14 0.84 28.89
C VAL B 80 -13.65 0.83 28.77
C VAL B 80 -13.67 0.82 28.80
N GLN B 81 -14.22 1.76 28.02
CA GLN B 81 -15.65 1.82 27.75
C GLN B 81 -15.85 1.71 26.25
N CYS B 82 -17.08 1.39 25.83
CA CYS B 82 -17.35 1.26 24.41
C CYS B 82 -17.00 2.54 23.65
N ASP B 83 -17.21 3.70 24.27
CA ASP B 83 -16.93 4.96 23.61
C ASP B 83 -15.44 5.12 23.28
N ASP B 84 -14.58 4.33 23.94
CA ASP B 84 -13.13 4.45 23.76
C ASP B 84 -12.64 3.78 22.48
N ALA B 85 -13.51 3.07 21.76
CA ALA B 85 -13.18 2.49 20.45
C ALA B 85 -12.80 3.61 19.52
N ALA B 86 -11.54 3.65 19.12
CA ALA B 86 -10.98 4.78 18.39
C ALA B 86 -9.56 4.43 17.98
N THR B 87 -8.92 5.34 17.22
CA THR B 87 -7.50 5.22 16.94
C THR B 87 -6.78 6.31 17.72
N TYR B 88 -5.69 5.95 18.39
CA TYR B 88 -4.94 6.86 19.25
C TYR B 88 -3.57 7.09 18.64
N TYR B 89 -3.07 8.31 18.76
CA TYR B 89 -1.77 8.67 18.18
C TYR B 89 -0.96 9.43 19.22
N CYS B 90 0.32 9.10 19.33
CA CYS B 90 1.25 9.96 20.02
C CYS B 90 1.84 10.99 19.04
N GLN B 91 2.32 12.08 19.62
CA GLN B 91 2.93 13.15 18.86
C GLN B 91 4.06 13.74 19.70
N GLY B 92 5.27 13.74 19.15
CA GLY B 92 6.40 14.28 19.85
C GLY B 92 6.90 15.55 19.20
N GLU B 93 7.35 16.46 20.05
CA GLU B 93 8.05 17.65 19.61
C GLU B 93 9.53 17.39 19.78
N PHE B 94 10.31 17.84 18.79
CA PHE B 94 11.74 17.67 18.76
C PHE B 94 12.37 19.04 18.54
N SER B 95 13.67 19.12 18.75
CA SER B 95 14.39 20.34 18.46
CA SER B 95 14.40 20.35 18.45
C SER B 95 14.39 20.55 16.94
N CYS B 96 13.83 21.67 16.48
CA CYS B 96 13.72 21.96 15.07
C CYS B 96 15.09 22.07 14.41
N SER B 97 16.14 22.37 15.19
CA SER B 97 17.46 22.57 14.63
C SER B 97 18.09 21.22 14.26
N SER B 98 17.63 20.11 14.83
CA SER B 98 18.25 18.81 14.62
C SER B 98 17.34 17.78 13.94
N ALA B 99 16.04 18.06 13.87
CA ALA B 99 15.08 17.11 13.32
C ALA B 99 13.84 17.89 12.88
N ASP B 100 12.92 17.20 12.23
CA ASP B 100 11.59 17.77 12.13
C ASP B 100 11.07 18.19 13.49
N CYS B 101 10.39 19.36 13.50
CA CYS B 101 9.92 19.90 14.77
C CYS B 101 8.92 18.98 15.45
N ASN B 102 8.08 18.28 14.67
CA ASN B 102 7.08 17.38 15.25
C ASN B 102 7.00 16.12 14.40
N ALA B 103 6.54 15.04 15.02
CA ALA B 103 6.22 13.81 14.31
C ALA B 103 5.12 13.09 15.07
N PHE B 104 4.39 12.23 14.36
CA PHE B 104 3.38 11.37 14.97
C PHE B 104 3.84 9.92 14.97
N GLY B 105 3.42 9.18 16.00
CA GLY B 105 3.43 7.74 15.96
C GLY B 105 2.47 7.22 14.90
N GLY B 106 2.56 5.93 14.58
CA GLY B 106 1.78 5.35 13.50
C GLY B 106 0.33 5.04 13.86
N GLY B 107 -0.03 5.18 15.15
CA GLY B 107 -1.39 4.96 15.60
C GLY B 107 -1.60 3.58 16.20
N THR B 108 -2.65 3.49 17.01
CA THR B 108 -3.11 2.24 17.58
C THR B 108 -4.63 2.22 17.45
N GLU B 109 -5.17 1.22 16.76
CA GLU B 109 -6.61 1.02 16.70
CA GLU B 109 -6.60 1.01 16.70
C GLU B 109 -7.03 0.21 17.92
N VAL B 110 -7.94 0.77 18.71
CA VAL B 110 -8.46 0.08 19.88
C VAL B 110 -9.88 -0.35 19.59
N VAL B 111 -10.10 -1.66 19.65
CA VAL B 111 -11.41 -2.27 19.56
C VAL B 111 -11.86 -2.64 20.98
N VAL B 112 -13.11 -2.30 21.30
CA VAL B 112 -13.65 -2.60 22.61
C VAL B 112 -14.65 -3.73 22.49
N LYS B 113 -14.45 -4.78 23.29
CA LYS B 113 -15.31 -5.94 23.26
C LYS B 113 -16.44 -5.77 24.25
N GLY B 114 -17.64 -5.66 23.71
CA GLY B 114 -18.84 -5.58 24.53
C GLY B 114 -19.52 -6.95 24.61
N ASP B 115 -20.77 -6.91 25.05
CA ASP B 115 -21.57 -8.12 25.15
C ASP B 115 -21.79 -8.69 23.76
N PRO B 116 -21.65 -10.02 23.57
CA PRO B 116 -21.90 -10.63 22.28
C PRO B 116 -23.35 -10.43 21.85
N VAL B 117 -23.54 -10.09 20.56
CA VAL B 117 -24.86 -9.94 19.98
C VAL B 117 -24.77 -10.52 18.56
N ALA B 118 -25.65 -11.47 18.24
CA ALA B 118 -25.75 -12.07 16.93
C ALA B 118 -26.39 -11.09 15.95
N PRO B 119 -25.90 -11.04 14.70
CA PRO B 119 -26.51 -10.18 13.70
C PRO B 119 -27.88 -10.67 13.23
N THR B 120 -28.72 -9.71 12.83
CA THR B 120 -29.76 -10.01 11.85
C THR B 120 -29.30 -9.49 10.49
N VAL B 121 -29.92 -9.98 9.42
CA VAL B 121 -29.46 -9.71 8.06
C VAL B 121 -30.63 -9.28 7.18
N LEU B 122 -30.34 -8.32 6.31
CA LEU B 122 -31.28 -7.82 5.32
C LEU B 122 -30.61 -7.88 3.94
N ILE B 123 -31.40 -8.18 2.91
CA ILE B 123 -30.92 -8.13 1.54
C ILE B 123 -31.86 -7.22 0.72
N PHE B 124 -31.25 -6.45 -0.20
CA PHE B 124 -31.91 -5.42 -0.98
C PHE B 124 -31.67 -5.72 -2.45
N PRO B 125 -32.69 -6.22 -3.18
CA PRO B 125 -32.56 -6.40 -4.62
C PRO B 125 -32.40 -5.05 -5.31
N PRO B 126 -31.86 -5.03 -6.55
CA PRO B 126 -31.58 -3.78 -7.24
C PRO B 126 -32.85 -3.06 -7.60
N ALA B 127 -32.83 -1.72 -7.45
CA ALA B 127 -33.89 -0.88 -7.96
C ALA B 127 -34.06 -1.12 -9.46
N ALA B 128 -35.29 -0.98 -9.94
CA ALA B 128 -35.64 -1.35 -11.31
C ALA B 128 -34.77 -0.64 -12.35
N ASP B 129 -34.29 0.58 -12.03
CA ASP B 129 -33.60 1.44 -12.96
C ASP B 129 -32.10 1.17 -13.02
N GLN B 130 -31.61 0.25 -12.19
CA GLN B 130 -30.19 -0.11 -12.22
C GLN B 130 -29.84 -0.87 -13.49
N VAL B 131 -30.63 -1.88 -13.85
CA VAL B 131 -30.17 -2.85 -14.84
C VAL B 131 -29.91 -2.21 -16.20
N ALA B 132 -30.63 -1.12 -16.55
CA ALA B 132 -30.41 -0.42 -17.81
C ALA B 132 -29.04 0.26 -17.86
N THR B 133 -28.37 0.45 -16.72
CA THR B 133 -27.08 1.13 -16.69
C THR B 133 -25.94 0.21 -17.11
N GLY B 134 -26.21 -1.11 -17.13
CA GLY B 134 -25.20 -2.10 -17.50
C GLY B 134 -24.59 -2.80 -16.29
N THR B 135 -24.80 -2.22 -15.09
CA THR B 135 -24.31 -2.81 -13.85
C THR B 135 -25.46 -2.90 -12.85
N VAL B 136 -25.42 -3.95 -12.03
CA VAL B 136 -26.36 -4.16 -10.93
C VAL B 136 -25.56 -4.28 -9.64
N THR B 137 -26.06 -3.61 -8.58
CA THR B 137 -25.45 -3.63 -7.28
C THR B 137 -26.50 -4.12 -6.28
N ILE B 138 -26.22 -5.23 -5.62
CA ILE B 138 -27.08 -5.81 -4.61
C ILE B 138 -26.48 -5.50 -3.24
N VAL B 139 -27.32 -5.14 -2.29
CA VAL B 139 -26.84 -4.73 -0.97
C VAL B 139 -27.34 -5.69 0.11
N CYS B 140 -26.44 -6.06 1.00
CA CYS B 140 -26.75 -6.86 2.17
C CYS B 140 -26.29 -6.06 3.40
N VAL B 141 -27.12 -6.06 4.46
CA VAL B 141 -26.71 -5.40 5.69
C VAL B 141 -26.77 -6.42 6.84
N ALA B 142 -25.74 -6.39 7.68
CA ALA B 142 -25.72 -7.12 8.94
C ALA B 142 -25.89 -6.11 10.06
N ASN B 143 -26.93 -6.31 10.87
CA ASN B 143 -27.33 -5.34 11.86
C ASN B 143 -26.82 -5.69 13.25
N LYS B 144 -26.32 -4.65 13.93
CA LYS B 144 -26.16 -4.59 15.38
C LYS B 144 -25.56 -5.86 15.96
N TYR B 145 -24.25 -6.04 15.78
CA TYR B 145 -23.62 -7.30 16.14
C TYR B 145 -22.25 -7.05 16.76
N PHE B 146 -21.81 -8.04 17.54
CA PHE B 146 -20.48 -8.11 18.07
C PHE B 146 -20.27 -9.55 18.49
N PRO B 147 -19.13 -10.24 18.20
CA PRO B 147 -17.96 -9.73 17.48
C PRO B 147 -18.10 -9.76 15.96
N ASP B 148 -16.97 -9.54 15.28
CA ASP B 148 -16.94 -9.43 13.83
C ASP B 148 -17.55 -10.66 13.18
N VAL B 149 -18.00 -10.42 11.95
CA VAL B 149 -18.58 -11.45 11.10
C VAL B 149 -17.77 -11.54 9.81
N THR B 150 -17.97 -12.62 9.07
CA THR B 150 -17.54 -12.71 7.67
C THR B 150 -18.78 -12.80 6.81
N VAL B 151 -18.69 -12.27 5.61
CA VAL B 151 -19.82 -12.28 4.69
C VAL B 151 -19.40 -13.04 3.43
N THR B 152 -20.27 -13.94 2.98
CA THR B 152 -20.09 -14.54 1.68
C THR B 152 -21.38 -14.36 0.89
N TRP B 153 -21.21 -14.28 -0.44
CA TRP B 153 -22.31 -14.19 -1.40
C TRP B 153 -22.36 -15.47 -2.22
N GLU B 154 -23.57 -15.95 -2.50
CA GLU B 154 -23.75 -17.10 -3.36
C GLU B 154 -24.76 -16.74 -4.44
N VAL B 155 -24.41 -17.06 -5.69
CA VAL B 155 -25.26 -16.83 -6.83
C VAL B 155 -25.54 -18.20 -7.43
N ASP B 156 -26.78 -18.67 -7.29
CA ASP B 156 -27.14 -20.04 -7.67
C ASP B 156 -26.20 -21.06 -7.02
N GLY B 157 -25.84 -20.82 -5.75
CA GLY B 157 -25.10 -21.78 -4.94
C GLY B 157 -23.58 -21.63 -5.04
N THR B 158 -23.09 -20.79 -5.95
CA THR B 158 -21.66 -20.62 -6.17
C THR B 158 -21.15 -19.44 -5.33
N THR B 159 -20.24 -19.71 -4.39
CA THR B 159 -19.61 -18.65 -3.61
C THR B 159 -18.83 -17.72 -4.53
N GLN B 160 -19.17 -16.42 -4.45
CA GLN B 160 -18.52 -15.39 -5.25
C GLN B 160 -17.11 -15.10 -4.74
N THR B 161 -16.20 -14.78 -5.67
CA THR B 161 -14.79 -14.54 -5.35
C THR B 161 -14.32 -13.17 -5.85
N THR B 162 -15.25 -12.32 -6.31
CA THR B 162 -14.97 -10.99 -6.80
C THR B 162 -16.27 -10.19 -6.76
N GLY B 163 -16.16 -8.87 -6.88
CA GLY B 163 -17.32 -8.00 -6.99
C GLY B 163 -17.89 -7.57 -5.65
N ILE B 164 -17.23 -7.90 -4.52
CA ILE B 164 -17.77 -7.67 -3.18
C ILE B 164 -17.01 -6.53 -2.50
N GLU B 165 -17.74 -5.57 -1.94
CA GLU B 165 -17.16 -4.48 -1.15
C GLU B 165 -17.92 -4.42 0.18
N ASN B 166 -17.18 -4.37 1.28
CA ASN B 166 -17.74 -4.31 2.61
C ASN B 166 -17.39 -3.00 3.29
N SER B 167 -18.33 -2.52 4.10
CA SER B 167 -18.12 -1.29 4.85
C SER B 167 -18.76 -1.46 6.23
N LYS B 168 -18.02 -1.15 7.29
CA LYS B 168 -18.46 -1.39 8.65
C LYS B 168 -18.58 -0.05 9.34
N THR B 169 -19.69 0.17 10.05
CA THR B 169 -19.83 1.37 10.86
C THR B 169 -18.88 1.33 12.06
N PRO B 170 -18.49 2.51 12.58
CA PRO B 170 -17.75 2.55 13.83
C PRO B 170 -18.54 1.88 14.95
N GLN B 171 -17.83 1.30 15.91
CA GLN B 171 -18.47 0.68 17.05
C GLN B 171 -19.36 1.66 17.78
N ASN B 172 -20.53 1.18 18.15
CA ASN B 172 -21.50 2.00 18.86
C ASN B 172 -20.93 2.39 20.22
N SER B 173 -21.12 3.67 20.58
CA SER B 173 -20.49 4.24 21.76
C SER B 173 -21.16 3.74 23.04
N ALA B 174 -22.38 3.20 22.98
CA ALA B 174 -23.04 2.65 24.15
C ALA B 174 -22.83 1.14 24.27
N ASP B 175 -22.92 0.36 23.18
CA ASP B 175 -22.95 -1.09 23.33
C ASP B 175 -21.89 -1.81 22.52
N CYS B 176 -20.99 -1.08 21.83
CA CYS B 176 -19.83 -1.64 21.13
C CYS B 176 -20.20 -2.33 19.81
N THR B 177 -21.47 -2.38 19.44
CA THR B 177 -21.85 -3.15 18.27
C THR B 177 -21.46 -2.45 16.96
N TYR B 178 -21.31 -3.32 15.95
CA TYR B 178 -21.09 -2.91 14.58
C TYR B 178 -22.36 -3.05 13.76
N ASN B 179 -22.33 -2.41 12.59
CA ASN B 179 -23.23 -2.71 11.51
C ASN B 179 -22.37 -2.84 10.26
N LEU B 180 -22.80 -3.64 9.28
CA LEU B 180 -22.01 -3.90 8.09
C LEU B 180 -22.90 -3.80 6.86
N SER B 181 -22.38 -3.16 5.82
CA SER B 181 -22.92 -3.30 4.48
C SER B 181 -21.96 -4.13 3.64
N SER B 182 -22.52 -5.03 2.85
CA SER B 182 -21.80 -5.83 1.89
C SER B 182 -22.50 -5.68 0.56
N THR B 183 -21.76 -5.27 -0.47
CA THR B 183 -22.36 -5.00 -1.75
CA THR B 183 -22.38 -5.03 -1.76
C THR B 183 -21.74 -5.94 -2.80
N LEU B 184 -22.60 -6.57 -3.61
CA LEU B 184 -22.16 -7.39 -4.74
C LEU B 184 -22.54 -6.67 -6.03
N THR B 185 -21.54 -6.46 -6.90
CA THR B 185 -21.72 -5.79 -8.18
C THR B 185 -21.49 -6.81 -9.28
N LEU B 186 -22.44 -6.87 -10.22
CA LEU B 186 -22.41 -7.78 -11.36
C LEU B 186 -22.74 -6.96 -12.59
N THR B 187 -22.41 -7.50 -13.78
CA THR B 187 -22.94 -6.89 -14.99
C THR B 187 -24.43 -7.22 -15.08
N SER B 188 -25.16 -6.39 -15.84
CA SER B 188 -26.57 -6.64 -16.11
C SER B 188 -26.77 -8.00 -16.75
N THR B 189 -25.84 -8.40 -17.62
CA THR B 189 -25.93 -9.70 -18.31
C THR B 189 -25.77 -10.83 -17.28
N GLN B 190 -24.82 -10.67 -16.35
CA GLN B 190 -24.63 -11.66 -15.31
C GLN B 190 -25.85 -11.75 -14.42
N TYR B 191 -26.38 -10.59 -14.01
CA TYR B 191 -27.52 -10.52 -13.12
C TYR B 191 -28.74 -11.19 -13.75
N ASN B 192 -28.99 -10.92 -15.04
CA ASN B 192 -30.19 -11.36 -15.74
C ASN B 192 -30.09 -12.85 -16.06
N SER B 193 -28.88 -13.42 -15.97
CA SER B 193 -28.67 -14.79 -16.37
C SER B 193 -28.46 -15.70 -15.14
N HIS B 194 -28.73 -15.18 -13.94
CA HIS B 194 -28.74 -15.98 -12.72
C HIS B 194 -30.03 -15.71 -11.95
N LYS B 195 -30.37 -16.61 -11.01
CA LYS B 195 -31.67 -16.58 -10.32
C LYS B 195 -31.57 -16.28 -8.83
N GLU B 196 -30.83 -17.09 -8.07
CA GLU B 196 -30.87 -17.02 -6.62
C GLU B 196 -29.67 -16.23 -6.10
N TYR B 197 -29.95 -15.17 -5.33
CA TYR B 197 -28.92 -14.30 -4.76
C TYR B 197 -28.99 -14.42 -3.23
N THR B 198 -27.88 -14.87 -2.63
CA THR B 198 -27.82 -15.15 -1.20
C THR B 198 -26.67 -14.38 -0.56
N CYS B 199 -26.99 -13.73 0.56
CA CYS B 199 -26.00 -13.13 1.45
C CYS B 199 -25.94 -13.97 2.72
N LYS B 200 -24.75 -14.48 3.06
CA LYS B 200 -24.53 -15.34 4.21
C LYS B 200 -23.56 -14.64 5.16
N VAL B 201 -24.03 -14.39 6.40
CA VAL B 201 -23.25 -13.70 7.41
C VAL B 201 -22.95 -14.68 8.53
N THR B 202 -21.66 -14.91 8.80
CA THR B 202 -21.20 -15.92 9.73
C THR B 202 -20.49 -15.24 10.89
N GLN B 203 -20.91 -15.59 12.11
CA GLN B 203 -20.28 -15.15 13.35
C GLN B 203 -19.84 -16.38 14.12
N GLY B 204 -18.52 -16.58 14.26
CA GLY B 204 -18.02 -17.84 14.77
C GLY B 204 -18.40 -19.00 13.84
N THR B 205 -19.33 -19.85 14.29
CA THR B 205 -19.80 -21.03 13.56
C THR B 205 -21.19 -20.81 12.98
N THR B 206 -21.85 -19.74 13.43
CA THR B 206 -23.28 -19.56 13.26
C THR B 206 -23.54 -18.60 12.10
N SER B 207 -24.20 -19.13 11.07
CA SER B 207 -24.54 -18.34 9.90
C SER B 207 -26.01 -17.91 9.95
N VAL B 208 -26.22 -16.72 9.39
CA VAL B 208 -27.54 -16.17 9.14
C VAL B 208 -27.60 -15.85 7.65
N VAL B 209 -28.69 -16.23 6.97
CA VAL B 209 -28.77 -16.08 5.54
CA VAL B 209 -28.79 -16.11 5.52
C VAL B 209 -30.03 -15.31 5.14
N GLN B 210 -29.91 -14.48 4.09
CA GLN B 210 -31.05 -13.88 3.42
C GLN B 210 -30.86 -14.05 1.91
N SER B 211 -31.94 -14.38 1.20
CA SER B 211 -31.90 -14.63 -0.23
C SER B 211 -33.11 -14.00 -0.91
N PHE B 212 -32.99 -13.78 -2.23
CA PHE B 212 -34.14 -13.51 -3.07
C PHE B 212 -33.90 -14.14 -4.46
N ASN B 213 -34.98 -14.35 -5.21
CA ASN B 213 -34.91 -14.78 -6.60
C ASN B 213 -35.21 -13.55 -7.49
N ARG B 214 -34.35 -13.31 -8.49
CA ARG B 214 -34.51 -12.17 -9.40
C ARG B 214 -35.93 -12.13 -9.95
N GLY B 215 -36.53 -13.31 -10.16
CA GLY B 215 -37.87 -13.40 -10.73
C GLY B 215 -38.96 -12.81 -9.83
N ASP B 216 -38.69 -12.72 -8.52
CA ASP B 216 -39.71 -12.42 -7.52
C ASP B 216 -39.75 -10.95 -7.14
N CYS B 217 -38.66 -10.20 -7.44
CA CYS B 217 -38.48 -8.84 -6.97
C CYS B 217 -38.18 -7.92 -8.17
N HIS C 3 16.08 30.48 19.78
CA HIS C 3 16.10 30.08 21.21
C HIS C 3 14.69 29.68 21.63
N PHE C 4 13.91 30.61 22.21
CA PHE C 4 12.61 30.28 22.75
C PHE C 4 11.61 31.38 22.46
N PRO C 5 10.35 31.07 22.04
CA PRO C 5 9.89 29.74 21.62
C PRO C 5 10.75 29.27 20.46
N GLN C 6 10.99 27.96 20.34
CA GLN C 6 11.92 27.50 19.32
C GLN C 6 11.45 27.81 17.90
N PHE C 7 10.13 27.88 17.71
CA PHE C 7 9.57 28.11 16.39
C PHE C 7 9.82 29.52 15.89
N SEP C 8 10.11 30.46 16.80
CA SEP C 8 10.16 31.89 16.50
CB SEP C 8 9.73 32.67 17.70
OG SEP C 8 8.37 32.33 17.99
C SEP C 8 11.55 32.30 16.04
O SEP C 8 11.79 33.49 15.91
P SEP C 8 7.21 33.39 17.68
O1P SEP C 8 7.36 33.84 16.25
O2P SEP C 8 5.95 32.62 17.94
O3P SEP C 8 7.40 34.56 18.64
N TYR C 9 12.44 31.24 15.65
CA TYR C 9 13.81 31.40 15.12
C TYR C 9 13.93 30.43 13.96
N SER C 10 14.64 30.85 12.92
CA SER C 10 14.84 30.05 11.73
C SER C 10 15.74 28.86 12.07
N GLN D 1 14.15 -16.46 -31.43
CA GLN D 1 13.24 -15.29 -31.46
C GLN D 1 13.27 -14.65 -30.07
N SER D 2 13.28 -13.32 -30.03
CA SER D 2 13.47 -12.62 -28.79
C SER D 2 12.79 -11.26 -28.86
N LEU D 3 12.57 -10.74 -27.67
CA LEU D 3 11.86 -9.49 -27.47
C LEU D 3 12.71 -8.59 -26.58
N GLU D 4 12.68 -7.29 -26.86
CA GLU D 4 13.43 -6.34 -26.05
C GLU D 4 12.62 -5.07 -25.88
N GLU D 5 12.27 -4.76 -24.64
CA GLU D 5 11.57 -3.52 -24.32
C GLU D 5 12.58 -2.40 -24.13
N SER D 6 12.15 -1.18 -24.45
CA SER D 6 12.95 0.02 -24.25
C SER D 6 12.01 1.18 -23.93
N GLY D 7 12.60 2.25 -23.37
CA GLY D 7 11.83 3.46 -23.12
C GLY D 7 11.61 3.76 -21.65
N GLY D 8 11.88 2.77 -20.79
CA GLY D 8 11.70 2.96 -19.37
C GLY D 8 12.60 4.07 -18.84
N ARG D 9 12.05 4.94 -18.01
CA ARG D 9 12.77 6.11 -17.53
C ARG D 9 11.99 6.71 -16.37
N LEU D 10 12.58 7.73 -15.74
CA LEU D 10 11.88 8.57 -14.80
C LEU D 10 10.92 9.48 -15.56
N VAL D 11 9.67 9.51 -15.09
CA VAL D 11 8.54 10.15 -15.75
C VAL D 11 7.89 11.05 -14.72
N THR D 12 7.65 12.30 -15.10
CA THR D 12 6.99 13.23 -14.21
C THR D 12 5.51 12.92 -14.17
N PRO D 13 4.85 12.86 -13.00
CA PRO D 13 3.40 12.62 -13.00
C PRO D 13 2.67 13.62 -13.90
N GLY D 14 1.73 13.09 -14.66
CA GLY D 14 0.89 13.92 -15.51
C GLY D 14 1.48 14.14 -16.90
N THR D 15 2.58 13.42 -17.19
CA THR D 15 3.18 13.47 -18.50
C THR D 15 3.15 12.09 -19.13
N PRO D 16 3.25 12.04 -20.46
CA PRO D 16 3.09 10.80 -21.21
C PRO D 16 4.39 10.01 -21.31
N LEU D 17 4.25 8.72 -21.63
CA LEU D 17 5.40 7.86 -21.83
C LEU D 17 5.10 6.92 -22.99
N THR D 18 6.07 6.67 -23.88
CA THR D 18 5.94 5.61 -24.88
C THR D 18 7.07 4.60 -24.67
N LEU D 19 6.66 3.34 -24.54
CA LEU D 19 7.57 2.21 -24.50
C LEU D 19 7.52 1.48 -25.83
N THR D 20 8.65 0.84 -26.19
CA THR D 20 8.74 0.09 -27.42
C THR D 20 9.26 -1.30 -27.12
N CYS D 21 8.70 -2.27 -27.82
CA CYS D 21 9.15 -3.64 -27.77
C CYS D 21 9.62 -3.99 -29.18
N THR D 22 10.92 -4.27 -29.33
CA THR D 22 11.50 -4.60 -30.62
C THR D 22 11.61 -6.12 -30.70
N VAL D 23 11.12 -6.66 -31.81
CA VAL D 23 11.00 -8.10 -31.97
C VAL D 23 12.05 -8.59 -32.95
N SER D 24 12.75 -9.67 -32.57
CA SER D 24 13.70 -10.33 -33.45
CA SER D 24 13.72 -10.34 -33.41
C SER D 24 13.25 -11.77 -33.68
N GLY D 25 13.23 -12.18 -34.94
CA GLY D 25 13.03 -13.57 -35.26
C GLY D 25 11.64 -13.94 -35.76
N PHE D 26 10.68 -13.04 -35.70
CA PHE D 26 9.38 -13.27 -36.29
C PHE D 26 8.75 -11.91 -36.62
N SER D 27 7.73 -11.96 -37.47
CA SER D 27 7.01 -10.76 -37.89
C SER D 27 5.71 -10.62 -37.10
N LEU D 28 5.40 -9.39 -36.69
CA LEU D 28 4.13 -9.15 -36.03
C LEU D 28 2.95 -9.30 -36.96
N ASN D 29 3.21 -9.38 -38.27
CA ASN D 29 2.11 -9.70 -39.18
C ASN D 29 1.49 -11.06 -38.86
N ASN D 30 2.29 -11.94 -38.24
CA ASN D 30 1.86 -13.31 -37.96
C ASN D 30 1.69 -13.61 -36.47
N ASN D 31 1.93 -12.60 -35.59
CA ASN D 31 1.99 -12.86 -34.16
C ASN D 31 1.36 -11.70 -33.38
N ALA D 32 0.35 -12.02 -32.58
CA ALA D 32 -0.20 -11.08 -31.62
C ALA D 32 0.78 -10.84 -30.48
N MET D 33 0.72 -9.64 -29.90
CA MET D 33 1.60 -9.20 -28.84
C MET D 33 0.81 -8.55 -27.72
N THR D 34 1.34 -8.68 -26.49
CA THR D 34 0.68 -8.15 -25.29
C THR D 34 1.69 -7.42 -24.41
N TRP D 35 1.16 -6.50 -23.60
CA TRP D 35 1.90 -5.84 -22.56
C TRP D 35 1.35 -6.24 -21.19
N VAL D 36 2.28 -6.50 -20.26
CA VAL D 36 2.00 -6.88 -18.89
C VAL D 36 2.90 -6.05 -18.00
N ARG D 37 2.44 -5.58 -16.85
CA ARG D 37 3.31 -4.83 -15.97
C ARG D 37 3.32 -5.46 -14.58
N GLN D 38 4.28 -4.99 -13.79
CA GLN D 38 4.42 -5.49 -12.43
C GLN D 38 5.03 -4.39 -11.56
N ALA D 39 4.23 -3.89 -10.62
CA ALA D 39 4.70 -2.90 -9.66
C ALA D 39 5.67 -3.58 -8.71
N PRO D 40 6.65 -2.85 -8.15
CA PRO D 40 7.63 -3.47 -7.28
C PRO D 40 7.01 -4.21 -6.11
N GLY D 41 7.42 -5.49 -5.97
CA GLY D 41 6.91 -6.38 -4.93
C GLY D 41 5.46 -6.84 -5.12
N LYS D 42 4.84 -6.54 -6.26
CA LYS D 42 3.44 -6.90 -6.49
C LYS D 42 3.33 -7.89 -7.66
N GLY D 43 2.11 -8.20 -8.08
CA GLY D 43 1.87 -9.26 -9.04
C GLY D 43 1.84 -8.79 -10.49
N LEU D 44 1.82 -9.75 -11.41
CA LEU D 44 1.66 -9.44 -12.82
C LEU D 44 0.27 -8.89 -13.09
N GLU D 45 0.21 -7.89 -13.98
CA GLU D 45 -1.06 -7.24 -14.32
C GLU D 45 -1.13 -7.09 -15.83
N TRP D 46 -2.20 -7.64 -16.43
CA TRP D 46 -2.39 -7.57 -17.86
C TRP D 46 -2.86 -6.17 -18.28
N ILE D 47 -2.24 -5.61 -19.32
CA ILE D 47 -2.59 -4.29 -19.83
C ILE D 47 -3.49 -4.37 -21.07
N GLY D 48 -2.98 -5.02 -22.12
CA GLY D 48 -3.72 -5.13 -23.34
C GLY D 48 -2.90 -5.86 -24.39
N LEU D 49 -3.51 -6.06 -25.57
CA LEU D 49 -2.82 -6.77 -26.64
C LEU D 49 -3.26 -6.24 -27.99
N ILE D 50 -2.48 -6.58 -29.02
CA ILE D 50 -2.79 -6.23 -30.40
C ILE D 50 -2.69 -7.48 -31.27
N SER D 51 -3.76 -7.72 -32.03
CA SER D 51 -3.90 -8.90 -32.84
C SER D 51 -3.03 -8.79 -34.08
N ARG D 52 -2.98 -9.88 -34.88
CA ARG D 52 -2.15 -9.86 -36.08
C ARG D 52 -2.59 -8.77 -37.05
N SER D 53 -3.90 -8.60 -37.19
CA SER D 53 -4.45 -7.59 -38.10
C SER D 53 -4.59 -6.22 -37.46
N GLY D 54 -4.10 -6.06 -36.22
CA GLY D 54 -4.02 -4.75 -35.59
C GLY D 54 -5.19 -4.38 -34.68
N ILE D 55 -6.06 -5.34 -34.35
CA ILE D 55 -7.17 -5.09 -33.43
C ILE D 55 -6.65 -5.05 -32.00
N THR D 56 -7.01 -4.02 -31.24
CA THR D 56 -6.53 -3.87 -29.87
C THR D 56 -7.61 -4.28 -28.89
N HIS D 57 -7.15 -4.82 -27.75
CA HIS D 57 -7.99 -5.18 -26.63
C HIS D 57 -7.24 -4.72 -25.38
N TYR D 58 -7.96 -4.12 -24.45
CA TYR D 58 -7.37 -3.59 -23.24
C TYR D 58 -8.09 -4.15 -22.02
N ALA D 59 -7.37 -4.22 -20.90
CA ALA D 59 -8.03 -4.44 -19.62
C ALA D 59 -8.93 -3.23 -19.35
N ASN D 60 -10.08 -3.48 -18.72
CA ASN D 60 -10.98 -2.40 -18.39
C ASN D 60 -10.27 -1.31 -17.58
N TRP D 61 -9.38 -1.68 -16.64
CA TRP D 61 -8.69 -0.67 -15.83
C TRP D 61 -7.85 0.30 -16.68
N ALA D 62 -7.34 -0.20 -17.82
CA ALA D 62 -6.37 0.49 -18.66
C ALA D 62 -7.03 1.26 -19.80
N LYS D 63 -8.22 0.83 -20.21
CA LYS D 63 -8.88 1.37 -21.39
C LYS D 63 -8.98 2.89 -21.28
N GLY D 64 -8.61 3.57 -22.37
CA GLY D 64 -8.68 5.02 -22.41
C GLY D 64 -7.39 5.71 -22.00
N ARG D 65 -6.51 5.02 -21.25
CA ARG D 65 -5.28 5.64 -20.79
C ARG D 65 -4.03 5.02 -21.39
N PHE D 66 -4.13 3.79 -21.88
CA PHE D 66 -3.04 3.08 -22.52
C PHE D 66 -3.45 2.74 -23.94
N THR D 67 -2.54 2.92 -24.90
CA THR D 67 -2.82 2.48 -26.25
C THR D 67 -1.63 1.68 -26.75
N ILE D 68 -1.94 0.75 -27.64
CA ILE D 68 -0.95 -0.12 -28.25
C ILE D 68 -1.04 0.07 -29.75
N SER D 69 0.11 0.17 -30.40
CA SER D 69 0.19 0.26 -31.86
C SER D 69 1.43 -0.51 -32.29
N LYS D 70 1.57 -0.77 -33.60
CA LYS D 70 2.67 -1.60 -34.03
C LYS D 70 3.12 -1.30 -35.46
N THR D 71 4.32 -1.81 -35.74
CA THR D 71 4.82 -2.05 -37.08
C THR D 71 5.02 -3.55 -37.18
N SER D 72 5.62 -4.02 -38.28
CA SER D 72 5.85 -5.46 -38.43
C SER D 72 6.96 -5.98 -37.51
N THR D 73 7.77 -5.09 -36.92
CA THR D 73 8.90 -5.51 -36.11
C THR D 73 8.96 -4.88 -34.72
N THR D 74 7.99 -4.02 -34.39
CA THR D 74 7.95 -3.31 -33.13
C THR D 74 6.49 -3.18 -32.69
N VAL D 75 6.29 -3.15 -31.38
CA VAL D 75 4.99 -2.82 -30.82
C VAL D 75 5.22 -1.82 -29.69
N ASP D 76 4.36 -0.82 -29.60
CA ASP D 76 4.51 0.21 -28.59
C ASP D 76 3.41 0.10 -27.53
N LEU D 77 3.66 0.83 -26.44
CA LEU D 77 2.69 1.09 -25.39
C LEU D 77 2.80 2.58 -25.07
N LYS D 78 1.70 3.29 -25.29
CA LYS D 78 1.63 4.70 -24.95
C LYS D 78 0.80 4.85 -23.68
N ILE D 79 1.40 5.43 -22.64
CA ILE D 79 0.70 5.84 -21.43
C ILE D 79 0.36 7.31 -21.65
N THR D 80 -0.92 7.60 -21.84
CA THR D 80 -1.32 8.95 -22.29
C THR D 80 -1.03 9.98 -21.22
N THR D 81 -1.16 9.61 -19.93
CA THR D 81 -0.77 10.45 -18.80
C THR D 81 -0.43 9.49 -17.67
N SER D 82 0.69 9.76 -17.00
CA SER D 82 1.23 8.85 -16.00
CA SER D 82 1.24 8.86 -16.00
C SER D 82 0.89 9.30 -14.58
N THR D 83 0.80 8.33 -13.66
CA THR D 83 0.60 8.55 -12.25
CA THR D 83 0.68 8.62 -12.24
C THR D 83 1.58 7.67 -11.46
N THR D 84 1.80 8.01 -10.18
CA THR D 84 2.84 7.33 -9.41
CA THR D 84 2.73 7.32 -9.31
C THR D 84 2.59 5.81 -9.41
N GLU D 85 1.33 5.36 -9.43
CA GLU D 85 1.02 3.94 -9.36
C GLU D 85 1.37 3.19 -10.66
N ASP D 86 1.81 3.91 -11.69
CA ASP D 86 2.31 3.30 -12.90
C ASP D 86 3.78 2.89 -12.79
N THR D 87 4.46 3.22 -11.67
CA THR D 87 5.81 2.75 -11.41
C THR D 87 5.81 1.23 -11.40
N ALA D 88 6.56 0.65 -12.34
CA ALA D 88 6.46 -0.80 -12.59
C ALA D 88 7.52 -1.20 -13.62
N THR D 89 7.76 -2.51 -13.71
CA THR D 89 8.41 -3.07 -14.88
C THR D 89 7.33 -3.41 -15.90
N TYR D 90 7.60 -3.08 -17.16
CA TYR D 90 6.68 -3.32 -18.26
C TYR D 90 7.32 -4.35 -19.18
N PHE D 91 6.60 -5.42 -19.47
CA PHE D 91 7.06 -6.55 -20.27
C PHE D 91 6.18 -6.63 -21.51
N CYS D 92 6.80 -6.95 -22.64
CA CYS D 92 6.05 -7.39 -23.79
C CYS D 92 6.19 -8.90 -23.93
N ALA D 93 5.17 -9.50 -24.56
CA ALA D 93 5.13 -10.94 -24.69
C ALA D 93 4.36 -11.32 -25.96
N ARG D 94 4.71 -12.45 -26.54
CA ARG D 94 3.96 -13.03 -27.63
C ARG D 94 2.74 -13.77 -27.12
N VAL D 95 1.59 -13.55 -27.77
CA VAL D 95 0.33 -14.23 -27.46
C VAL D 95 0.25 -15.47 -28.33
N ASP D 96 0.03 -16.62 -27.68
CA ASP D 96 0.16 -17.89 -28.37
C ASP D 96 -1.15 -18.40 -28.97
N TYR D 97 -1.43 -17.98 -30.22
CA TYR D 97 -2.54 -18.51 -31.00
C TYR D 97 -2.16 -18.44 -32.47
N ASP D 98 -2.83 -19.32 -33.23
CA ASP D 98 -2.73 -19.35 -34.69
C ASP D 98 -4.17 -19.43 -35.23
N ASP D 99 -4.29 -19.71 -36.54
CA ASP D 99 -5.62 -19.76 -37.15
C ASP D 99 -6.39 -21.02 -36.78
N TYR D 100 -5.73 -22.01 -36.18
CA TYR D 100 -6.38 -23.27 -35.89
C TYR D 100 -6.80 -23.38 -34.43
N ARG D 101 -5.98 -22.89 -33.49
CA ARG D 101 -6.32 -22.92 -32.07
C ARG D 101 -5.68 -21.74 -31.35
N ASP D 102 -6.24 -21.49 -30.17
CA ASP D 102 -5.75 -20.50 -29.25
C ASP D 102 -5.29 -21.24 -27.99
N TRP D 103 -3.97 -21.22 -27.76
CA TRP D 103 -3.41 -21.91 -26.61
C TRP D 103 -3.59 -21.12 -25.32
N GLY D 104 -3.94 -19.82 -25.39
CA GLY D 104 -4.33 -19.04 -24.22
C GLY D 104 -3.20 -18.30 -23.52
N SER D 105 -1.97 -18.71 -23.77
CA SER D 105 -0.81 -18.29 -23.00
C SER D 105 -0.02 -17.18 -23.69
N PHE D 106 0.97 -16.68 -22.97
CA PHE D 106 1.98 -15.75 -23.48
C PHE D 106 3.31 -16.47 -23.39
N ASN D 107 3.92 -16.87 -24.51
CA ASN D 107 4.96 -17.88 -24.44
C ASN D 107 6.37 -17.39 -24.76
N VAL D 108 6.56 -16.11 -25.04
CA VAL D 108 7.86 -15.49 -25.24
C VAL D 108 7.75 -14.15 -24.52
N TRP D 109 8.72 -13.78 -23.69
CA TRP D 109 8.71 -12.56 -22.89
C TRP D 109 10.02 -11.81 -23.07
N GLY D 110 9.99 -10.48 -23.05
CA GLY D 110 11.19 -9.69 -22.94
C GLY D 110 11.69 -9.58 -21.51
N PRO D 111 12.88 -8.98 -21.31
CA PRO D 111 13.41 -8.77 -19.97
C PRO D 111 12.67 -7.74 -19.13
N GLY D 112 11.90 -6.88 -19.80
CA GLY D 112 11.21 -5.79 -19.15
C GLY D 112 11.98 -4.48 -19.23
N THR D 113 11.23 -3.38 -19.13
CA THR D 113 11.82 -2.05 -19.01
C THR D 113 11.18 -1.37 -17.79
N LEU D 114 12.00 -0.65 -17.01
CA LEU D 114 11.61 -0.12 -15.72
C LEU D 114 11.12 1.32 -15.92
N VAL D 115 9.89 1.59 -15.46
CA VAL D 115 9.27 2.89 -15.47
C VAL D 115 9.18 3.40 -14.03
N THR D 116 9.60 4.64 -13.81
CA THR D 116 9.50 5.24 -12.50
C THR D 116 8.74 6.55 -12.61
N VAL D 117 7.55 6.64 -12.01
CA VAL D 117 6.76 7.88 -12.09
C VAL D 117 6.89 8.61 -10.77
N SER D 118 7.61 9.73 -10.77
CA SER D 118 7.97 10.46 -9.57
C SER D 118 8.30 11.89 -9.94
N LEU D 119 8.09 12.82 -9.02
CA LEU D 119 8.70 14.13 -9.13
C LEU D 119 10.21 13.98 -9.07
N GLY D 120 10.91 14.97 -9.62
CA GLY D 120 12.35 15.02 -9.51
C GLY D 120 13.06 14.84 -10.85
N GLN D 121 14.39 14.89 -10.76
CA GLN D 121 15.26 14.76 -11.90
C GLN D 121 16.13 13.54 -11.65
N PRO D 122 16.69 12.96 -12.71
CA PRO D 122 17.65 11.87 -12.52
C PRO D 122 18.76 12.28 -11.54
N LYS D 123 19.21 11.34 -10.72
CA LYS D 123 20.25 11.59 -9.74
C LYS D 123 21.25 10.44 -9.73
N ALA D 124 22.53 10.77 -9.93
CA ALA D 124 23.59 9.78 -10.00
C ALA D 124 23.88 9.24 -8.61
N PRO D 125 24.27 7.95 -8.49
CA PRO D 125 24.62 7.38 -7.20
C PRO D 125 25.93 7.97 -6.67
N SER D 126 26.00 8.05 -5.35
CA SER D 126 27.26 8.16 -4.62
C SER D 126 27.79 6.77 -4.33
N VAL D 127 29.07 6.52 -4.63
CA VAL D 127 29.65 5.19 -4.47
C VAL D 127 30.73 5.25 -3.40
N PHE D 128 30.58 4.40 -2.37
CA PHE D 128 31.51 4.37 -1.26
C PHE D 128 32.08 2.98 -1.10
N PRO D 129 33.40 2.85 -0.80
CA PRO D 129 33.97 1.54 -0.51
C PRO D 129 33.46 0.94 0.79
N LEU D 130 33.44 -0.40 0.80
CA LEU D 130 33.13 -1.19 1.97
C LEU D 130 34.33 -2.09 2.27
N ALA D 131 34.88 -1.91 3.47
CA ALA D 131 36.01 -2.69 3.92
C ALA D 131 35.91 -2.88 5.44
N PRO D 132 36.45 -3.98 6.00
CA PRO D 132 36.43 -4.18 7.45
C PRO D 132 37.22 -3.10 8.17
N CYS D 133 36.86 -2.93 9.44
CA CYS D 133 37.60 -2.08 10.35
C CYS D 133 39.05 -2.55 10.40
N CYS D 134 39.99 -1.61 10.32
CA CYS D 134 41.41 -1.91 10.21
C CYS D 134 41.90 -2.59 11.49
N GLY D 135 42.81 -3.56 11.33
CA GLY D 135 43.37 -4.29 12.45
C GLY D 135 42.34 -5.22 13.08
N SER D 139 44.05 -10.67 7.49
CA SER D 139 43.17 -11.88 7.44
C SER D 139 43.36 -12.59 6.10
N SER D 140 43.21 -13.92 6.14
CA SER D 140 43.45 -14.73 4.95
C SER D 140 42.36 -14.53 3.92
N THR D 141 41.11 -14.35 4.36
CA THR D 141 39.94 -14.13 3.50
C THR D 141 39.18 -12.90 3.98
N VAL D 142 38.75 -12.05 3.05
CA VAL D 142 38.17 -10.77 3.39
C VAL D 142 37.04 -10.50 2.41
N THR D 143 35.98 -9.88 2.90
CA THR D 143 34.92 -9.43 2.02
C THR D 143 35.01 -7.91 1.90
N LEU D 144 35.03 -7.42 0.66
CA LEU D 144 35.07 -6.01 0.33
C LEU D 144 33.81 -5.66 -0.46
N GLY D 145 33.57 -4.39 -0.73
CA GLY D 145 32.37 -4.06 -1.46
C GLY D 145 32.29 -2.60 -1.87
N CYS D 146 31.14 -2.29 -2.47
CA CYS D 146 30.76 -0.91 -2.77
C CYS D 146 29.31 -0.70 -2.38
N LEU D 147 29.06 0.40 -1.67
CA LEU D 147 27.73 0.92 -1.39
C LEU D 147 27.40 1.94 -2.47
N VAL D 148 26.24 1.75 -3.08
CA VAL D 148 25.75 2.56 -4.17
C VAL D 148 24.49 3.27 -3.68
N LYS D 149 24.62 4.56 -3.32
CA LYS D 149 23.63 5.24 -2.51
C LYS D 149 22.99 6.42 -3.24
N GLY D 150 21.66 6.55 -3.11
CA GLY D 150 20.96 7.79 -3.40
C GLY D 150 20.79 8.10 -4.89
N TYR D 151 20.37 7.12 -5.67
CA TYR D 151 20.21 7.32 -7.10
C TYR D 151 18.72 7.29 -7.48
N LEU D 152 18.44 7.81 -8.67
CA LEU D 152 17.08 7.84 -9.18
C LEU D 152 17.17 8.03 -10.69
N PRO D 153 16.43 7.28 -11.54
CA PRO D 153 15.68 6.07 -11.20
C PRO D 153 16.59 4.85 -11.22
N GLU D 154 15.99 3.67 -11.05
CA GLU D 154 16.67 2.44 -11.40
C GLU D 154 16.81 2.32 -12.91
N PRO D 155 17.73 1.48 -13.44
CA PRO D 155 18.69 0.70 -12.64
C PRO D 155 20.07 1.32 -12.52
N VAL D 156 20.89 0.72 -11.67
CA VAL D 156 22.33 0.76 -11.80
C VAL D 156 22.81 -0.64 -12.16
N THR D 157 23.98 -0.70 -12.77
CA THR D 157 24.69 -1.95 -12.98
C THR D 157 26.01 -1.87 -12.22
N VAL D 158 26.31 -2.96 -11.51
CA VAL D 158 27.57 -3.07 -10.78
C VAL D 158 28.32 -4.27 -11.34
N THR D 159 29.54 -4.03 -11.80
CA THR D 159 30.46 -5.10 -12.15
C THR D 159 31.70 -4.96 -11.31
N TRP D 160 32.52 -6.02 -11.32
CA TRP D 160 33.80 -6.03 -10.66
C TRP D 160 34.89 -6.38 -11.66
N ASN D 161 35.94 -5.55 -11.63
CA ASN D 161 37.06 -5.69 -12.55
C ASN D 161 36.54 -5.81 -13.98
N SER D 162 35.63 -4.91 -14.35
CA SER D 162 35.10 -4.81 -15.70
C SER D 162 34.44 -6.11 -16.17
N GLY D 163 33.95 -6.92 -15.22
CA GLY D 163 33.18 -8.12 -15.51
C GLY D 163 34.02 -9.39 -15.58
N THR D 164 35.32 -9.27 -15.28
CA THR D 164 36.23 -10.41 -15.35
C THR D 164 36.40 -11.04 -13.97
N LEU D 165 35.92 -10.35 -12.92
CA LEU D 165 35.85 -10.92 -11.60
C LEU D 165 34.40 -11.28 -11.35
N THR D 166 34.21 -12.60 -11.17
CA THR D 166 32.92 -13.24 -11.14
C THR D 166 32.77 -14.08 -9.86
N ASN D 167 33.79 -14.86 -9.51
CA ASN D 167 33.76 -15.67 -8.31
C ASN D 167 33.47 -14.79 -7.09
N GLY D 168 32.50 -15.19 -6.26
CA GLY D 168 32.31 -14.65 -4.93
C GLY D 168 31.69 -13.25 -4.90
N VAL D 169 30.85 -12.88 -5.87
CA VAL D 169 30.13 -11.62 -5.86
C VAL D 169 28.70 -11.82 -5.37
N ARG D 170 28.23 -10.91 -4.50
CA ARG D 170 26.84 -10.83 -4.11
C ARG D 170 26.40 -9.39 -4.28
N THR D 171 25.45 -9.15 -5.19
CA THR D 171 24.89 -7.83 -5.40
C THR D 171 23.45 -7.88 -4.91
N PHE D 172 23.15 -7.14 -3.84
CA PHE D 172 21.85 -7.20 -3.20
C PHE D 172 20.79 -6.46 -4.03
N PRO D 173 19.50 -6.87 -3.94
CA PRO D 173 18.42 -6.09 -4.52
C PRO D 173 18.46 -4.65 -4.00
N SER D 174 18.07 -3.73 -4.88
CA SER D 174 17.88 -2.35 -4.48
C SER D 174 16.77 -2.21 -3.44
N VAL D 175 16.90 -1.16 -2.64
CA VAL D 175 15.84 -0.76 -1.73
C VAL D 175 15.56 0.71 -1.97
N ARG D 176 14.29 1.07 -1.91
CA ARG D 176 13.88 2.44 -2.13
C ARG D 176 13.61 3.09 -0.78
N GLN D 177 14.35 4.17 -0.51
CA GLN D 177 14.28 4.93 0.73
C GLN D 177 12.98 5.74 0.73
N SER D 178 12.60 6.26 1.91
CA SER D 178 11.41 7.08 2.05
C SER D 178 11.48 8.35 1.19
N SER D 179 12.70 8.87 0.97
CA SER D 179 12.95 9.96 0.05
C SER D 179 12.55 9.63 -1.40
N GLY D 180 12.44 8.34 -1.71
CA GLY D 180 12.20 7.89 -3.08
C GLY D 180 13.48 7.54 -3.82
N LEU D 181 14.66 7.84 -3.23
CA LEU D 181 15.94 7.44 -3.80
C LEU D 181 16.18 5.96 -3.50
N TYR D 182 17.03 5.34 -4.32
CA TYR D 182 17.39 3.94 -4.17
C TYR D 182 18.83 3.77 -3.68
N SER D 183 19.09 2.60 -3.09
CA SER D 183 20.41 2.22 -2.63
CA SER D 183 20.44 2.21 -2.71
C SER D 183 20.58 0.71 -2.82
N LEU D 184 21.84 0.28 -2.99
CA LEU D 184 22.17 -1.12 -2.96
C LEU D 184 23.64 -1.24 -2.62
N SER D 185 24.03 -2.42 -2.12
CA SER D 185 25.43 -2.78 -1.95
C SER D 185 25.75 -4.00 -2.81
N SER D 186 27.03 -4.10 -3.17
CA SER D 186 27.61 -5.28 -3.79
C SER D 186 28.90 -5.62 -3.04
N VAL D 187 29.05 -6.89 -2.71
CA VAL D 187 30.24 -7.34 -2.01
C VAL D 187 30.91 -8.49 -2.78
N VAL D 188 32.20 -8.64 -2.53
CA VAL D 188 32.99 -9.68 -3.17
C VAL D 188 33.94 -10.27 -2.14
N SER D 189 34.08 -11.59 -2.16
CA SER D 189 34.97 -12.31 -1.29
C SER D 189 36.31 -12.48 -1.99
N VAL D 190 37.39 -12.05 -1.34
CA VAL D 190 38.71 -12.20 -1.90
C VAL D 190 39.59 -12.83 -0.83
N THR D 191 40.80 -13.15 -1.22
CA THR D 191 41.79 -13.67 -0.29
C THR D 191 42.94 -12.68 -0.18
N SER D 192 43.82 -12.97 0.76
CA SER D 192 44.92 -12.06 1.04
C SER D 192 45.93 -12.03 -0.12
N SER D 193 45.89 -13.02 -1.04
CA SER D 193 46.77 -13.00 -2.20
C SER D 193 46.19 -12.18 -3.35
N SER D 194 44.95 -11.69 -3.24
CA SER D 194 44.29 -10.94 -4.30
CA SER D 194 44.30 -10.95 -4.31
C SER D 194 44.94 -9.57 -4.52
N GLN D 195 44.85 -9.10 -5.75
CA GLN D 195 45.09 -7.70 -6.05
C GLN D 195 43.86 -6.91 -5.64
N PRO D 196 43.96 -5.57 -5.51
CA PRO D 196 42.78 -4.75 -5.25
C PRO D 196 41.67 -5.02 -6.26
N VAL D 197 40.43 -4.90 -5.83
CA VAL D 197 39.28 -5.15 -6.69
C VAL D 197 38.60 -3.82 -6.94
N THR D 198 38.06 -3.64 -8.15
CA THR D 198 37.43 -2.40 -8.55
C THR D 198 35.96 -2.65 -8.88
N CYS D 199 35.06 -1.93 -8.20
CA CYS D 199 33.65 -1.97 -8.59
C CYS D 199 33.42 -0.90 -9.65
N ASN D 200 32.67 -1.26 -10.69
CA ASN D 200 32.31 -0.39 -11.79
C ASN D 200 30.80 -0.16 -11.70
N VAL D 201 30.40 1.08 -11.42
CA VAL D 201 28.99 1.39 -11.21
C VAL D 201 28.46 2.28 -12.33
N ALA D 202 27.54 1.77 -13.14
CA ALA D 202 26.98 2.57 -14.22
C ALA D 202 25.54 2.93 -13.88
N HIS D 203 25.17 4.17 -14.19
CA HIS D 203 23.81 4.66 -14.01
C HIS D 203 23.37 5.26 -15.34
N PRO D 204 22.75 4.46 -16.24
CA PRO D 204 22.38 4.94 -17.56
C PRO D 204 21.64 6.27 -17.59
N ALA D 205 20.72 6.46 -16.63
CA ALA D 205 19.85 7.64 -16.64
C ALA D 205 20.64 8.94 -16.53
N THR D 206 21.82 8.92 -15.88
CA THR D 206 22.64 10.11 -15.74
C THR D 206 23.93 9.98 -16.56
N ASN D 207 24.03 8.93 -17.39
CA ASN D 207 25.20 8.71 -18.23
C ASN D 207 26.48 8.71 -17.39
N THR D 208 26.40 8.15 -16.17
CA THR D 208 27.57 8.08 -15.31
C THR D 208 28.10 6.65 -15.20
N LYS D 209 29.43 6.61 -15.04
CA LYS D 209 30.17 5.38 -14.81
C LYS D 209 31.28 5.74 -13.84
N VAL D 210 31.24 5.11 -12.66
CA VAL D 210 32.18 5.41 -11.60
C VAL D 210 32.89 4.12 -11.17
N ASP D 211 34.20 4.22 -10.97
CA ASP D 211 34.98 3.12 -10.45
C ASP D 211 35.45 3.43 -9.04
N LYS D 212 35.49 2.41 -8.19
CA LYS D 212 36.12 2.51 -6.89
C LYS D 212 36.99 1.27 -6.68
N THR D 213 38.28 1.49 -6.40
CA THR D 213 39.19 0.40 -6.13
C THR D 213 39.25 0.22 -4.62
N VAL D 214 39.08 -1.03 -4.18
CA VAL D 214 38.98 -1.37 -2.77
C VAL D 214 40.02 -2.45 -2.43
N ALA D 215 40.66 -2.30 -1.28
CA ALA D 215 41.63 -3.27 -0.81
C ALA D 215 41.44 -3.45 0.69
N PRO D 216 41.81 -4.63 1.24
CA PRO D 216 41.62 -4.91 2.66
C PRO D 216 42.12 -3.67 3.40
N SER D 217 41.17 -2.96 4.04
CA SER D 217 41.47 -1.80 4.85
C SER D 217 41.47 -2.19 6.34
N ALA E 1 -16.01 -8.36 -13.30
CA ALA E 1 -14.61 -8.57 -13.75
C ALA E 1 -14.22 -10.03 -13.56
N ALA E 2 -13.47 -10.55 -14.53
CA ALA E 2 -12.94 -11.90 -14.41
C ALA E 2 -11.60 -11.86 -13.67
N VAL E 3 -11.53 -12.63 -12.59
CA VAL E 3 -10.32 -12.70 -11.81
C VAL E 3 -9.99 -14.17 -11.50
N LEU E 4 -8.74 -14.34 -11.04
CA LEU E 4 -8.27 -15.60 -10.54
CA LEU E 4 -8.19 -15.60 -10.58
C LEU E 4 -7.71 -15.38 -9.14
N THR E 5 -8.06 -16.31 -8.25
CA THR E 5 -7.63 -16.25 -6.86
C THR E 5 -6.69 -17.42 -6.61
N GLN E 6 -5.47 -17.09 -6.19
CA GLN E 6 -4.45 -18.08 -5.90
C GLN E 6 -4.32 -18.24 -4.41
N THR E 7 -4.26 -19.51 -4.01
CA THR E 7 -4.00 -19.89 -2.63
C THR E 7 -3.04 -21.06 -2.64
N PRO E 8 -2.24 -21.27 -1.56
CA PRO E 8 -2.07 -20.28 -0.49
C PRO E 8 -1.26 -19.12 -1.05
N SER E 9 -0.99 -18.08 -0.25
CA SER E 9 -0.15 -16.97 -0.70
C SER E 9 1.33 -17.39 -0.74
N SER E 10 1.69 -18.32 0.15
CA SER E 10 3.04 -18.82 0.26
C SER E 10 2.98 -20.26 0.77
N VAL E 11 3.92 -21.05 0.29
CA VAL E 11 4.15 -22.36 0.86
C VAL E 11 5.64 -22.65 0.93
N SER E 12 6.04 -23.40 1.98
CA SER E 12 7.39 -23.92 2.12
C SER E 12 7.44 -25.42 1.76
N SER E 13 8.54 -25.85 1.13
CA SER E 13 8.74 -27.27 0.80
C SER E 13 10.23 -27.66 0.94
N ALA E 14 10.58 -28.80 1.55
CA ALA E 14 11.99 -29.20 1.56
C ALA E 14 12.35 -29.79 0.21
N VAL E 15 13.65 -29.78 -0.07
CA VAL E 15 14.20 -30.40 -1.26
C VAL E 15 13.69 -31.84 -1.33
N GLY E 16 13.20 -32.22 -2.50
CA GLY E 16 12.70 -33.55 -2.77
C GLY E 16 11.21 -33.69 -2.44
N GLY E 17 10.63 -32.73 -1.72
CA GLY E 17 9.21 -32.74 -1.38
C GLY E 17 8.30 -32.42 -2.56
N THR E 18 6.99 -32.52 -2.33
CA THR E 18 5.99 -32.15 -3.33
CA THR E 18 5.99 -32.15 -3.33
C THR E 18 5.12 -31.05 -2.75
N VAL E 19 4.69 -30.13 -3.62
CA VAL E 19 3.78 -29.07 -3.26
CA VAL E 19 3.77 -29.09 -3.24
C VAL E 19 2.77 -28.88 -4.38
N THR E 20 1.54 -28.56 -4.00
CA THR E 20 0.47 -28.22 -4.95
C THR E 20 -0.10 -26.86 -4.57
N ILE E 21 -0.26 -25.99 -5.58
CA ILE E 21 -0.84 -24.67 -5.39
C ILE E 21 -2.10 -24.57 -6.24
N ASN E 22 -3.01 -23.68 -5.82
CA ASN E 22 -4.38 -23.62 -6.33
C ASN E 22 -4.64 -22.29 -7.05
N CYS E 23 -5.49 -22.39 -8.06
CA CYS E 23 -5.97 -21.21 -8.77
C CYS E 23 -7.45 -21.40 -9.08
N GLN E 24 -8.29 -20.50 -8.57
CA GLN E 24 -9.72 -20.51 -8.78
C GLN E 24 -10.14 -19.32 -9.65
N ALA E 25 -10.76 -19.62 -10.77
CA ALA E 25 -11.30 -18.58 -11.63
C ALA E 25 -12.68 -18.16 -11.17
N SER E 26 -13.01 -16.88 -11.33
CA SER E 26 -14.31 -16.37 -10.91
C SER E 26 -15.43 -16.69 -11.90
N GLN E 27 -15.08 -17.10 -13.13
CA GLN E 27 -16.00 -17.51 -14.17
C GLN E 27 -15.25 -18.47 -15.08
N SER E 28 -15.98 -19.16 -15.95
CA SER E 28 -15.37 -20.16 -16.80
CA SER E 28 -15.43 -20.14 -16.87
C SER E 28 -14.38 -19.51 -17.77
N LEU E 29 -13.38 -20.29 -18.18
CA LEU E 29 -12.32 -19.82 -19.05
C LEU E 29 -12.68 -19.99 -20.52
N TYR E 30 -12.07 -19.15 -21.34
CA TYR E 30 -12.11 -19.35 -22.76
C TYR E 30 -11.63 -20.76 -23.10
N ASN E 31 -12.38 -21.44 -23.98
CA ASN E 31 -12.06 -22.78 -24.44
CA ASN E 31 -12.03 -22.78 -24.44
C ASN E 31 -12.07 -23.76 -23.27
N ASN E 32 -12.71 -23.38 -22.14
CA ASN E 32 -12.87 -24.22 -20.95
C ASN E 32 -11.59 -24.44 -20.16
N LYS E 33 -10.42 -24.52 -20.79
CA LYS E 33 -9.22 -24.95 -20.09
C LYS E 33 -8.00 -24.07 -20.38
N ASN E 34 -8.21 -22.85 -20.86
CA ASN E 34 -7.08 -21.96 -21.15
C ASN E 34 -6.61 -21.23 -19.90
N LEU E 35 -5.92 -22.02 -19.06
CA LEU E 35 -5.31 -21.63 -17.83
C LEU E 35 -3.83 -21.97 -17.94
N ALA E 36 -2.96 -20.97 -17.74
CA ALA E 36 -1.53 -21.16 -17.85
C ALA E 36 -0.88 -20.84 -16.50
N TRP E 37 0.31 -21.40 -16.30
CA TRP E 37 1.10 -21.12 -15.11
C TRP E 37 2.48 -20.61 -15.51
N TYR E 38 2.96 -19.62 -14.78
CA TYR E 38 4.24 -18.99 -15.00
C TYR E 38 5.09 -19.06 -13.74
N GLN E 39 6.39 -19.26 -13.92
CA GLN E 39 7.37 -19.11 -12.85
C GLN E 39 8.06 -17.78 -12.99
N GLN E 40 8.30 -17.10 -11.87
CA GLN E 40 9.07 -15.88 -11.90
C GLN E 40 10.09 -15.90 -10.77
N LYS E 41 11.34 -16.08 -11.18
CA LYS E 41 12.47 -15.98 -10.27
C LYS E 41 12.59 -14.52 -9.90
N PRO E 42 12.93 -14.18 -8.64
CA PRO E 42 13.00 -12.79 -8.25
C PRO E 42 13.92 -11.98 -9.16
N GLY E 43 13.40 -10.84 -9.62
CA GLY E 43 14.14 -9.91 -10.46
C GLY E 43 14.19 -10.29 -11.94
N GLN E 44 13.52 -11.39 -12.34
CA GLN E 44 13.60 -11.90 -13.70
C GLN E 44 12.22 -11.84 -14.33
N ARG E 45 12.17 -12.09 -15.64
CA ARG E 45 10.91 -12.09 -16.35
C ARG E 45 10.15 -13.38 -16.04
N PRO E 46 8.83 -13.40 -16.26
CA PRO E 46 8.05 -14.63 -16.16
C PRO E 46 8.44 -15.64 -17.22
N LYS E 47 8.29 -16.93 -16.89
CA LYS E 47 8.52 -18.04 -17.80
C LYS E 47 7.32 -18.98 -17.77
N LEU E 48 6.77 -19.27 -18.94
CA LEU E 48 5.65 -20.17 -19.07
C LEU E 48 6.05 -21.60 -18.70
N LEU E 49 5.31 -22.21 -17.76
CA LEU E 49 5.51 -23.60 -17.36
C LEU E 49 4.51 -24.55 -18.00
N ILE E 50 3.25 -24.18 -17.92
CA ILE E 50 2.11 -25.02 -18.24
C ILE E 50 1.09 -24.16 -18.97
N TYR E 51 0.48 -24.72 -20.03
CA TYR E 51 -0.63 -24.03 -20.70
C TYR E 51 -1.73 -25.04 -20.98
N SER E 52 -2.92 -24.54 -21.30
CA SER E 52 -4.07 -25.41 -21.53
C SER E 52 -4.28 -26.33 -20.32
N ALA E 53 -4.07 -25.77 -19.11
CA ALA E 53 -4.26 -26.44 -17.82
C ALA E 53 -3.19 -27.48 -17.49
N SER E 54 -2.77 -28.29 -18.47
CA SER E 54 -1.98 -29.47 -18.19
C SER E 54 -0.84 -29.73 -19.17
N THR E 55 -0.64 -28.88 -20.19
CA THR E 55 0.42 -29.15 -21.15
C THR E 55 1.71 -28.49 -20.69
N LEU E 56 2.77 -29.29 -20.59
CA LEU E 56 4.08 -28.81 -20.22
C LEU E 56 4.69 -28.02 -21.38
N ALA E 57 5.14 -26.81 -21.08
CA ALA E 57 5.77 -25.96 -22.10
C ALA E 57 7.20 -26.41 -22.37
N SER E 58 7.73 -25.87 -23.47
CA SER E 58 9.12 -26.04 -23.86
C SER E 58 10.08 -25.57 -22.76
N GLY E 59 11.12 -26.36 -22.48
CA GLY E 59 12.18 -25.98 -21.56
C GLY E 59 11.79 -26.11 -20.09
N VAL E 60 10.76 -26.93 -19.82
CA VAL E 60 10.28 -27.10 -18.47
C VAL E 60 10.51 -28.53 -18.02
N PRO E 61 11.16 -28.71 -16.84
CA PRO E 61 11.37 -30.04 -16.32
C PRO E 61 10.08 -30.78 -16.00
N SER E 62 10.15 -32.11 -16.08
CA SER E 62 9.00 -32.98 -15.95
C SER E 62 8.39 -32.97 -14.54
N ARG E 63 9.12 -32.46 -13.54
CA ARG E 63 8.60 -32.38 -12.18
C ARG E 63 7.41 -31.42 -12.08
N PHE E 64 7.24 -30.50 -13.04
CA PHE E 64 6.08 -29.63 -13.05
C PHE E 64 4.90 -30.31 -13.74
N SER E 65 3.72 -30.19 -13.13
CA SER E 65 2.51 -30.69 -13.76
C SER E 65 1.32 -29.82 -13.38
N GLY E 66 0.33 -29.76 -14.26
CA GLY E 66 -0.86 -28.99 -13.95
C GLY E 66 -2.10 -29.85 -14.16
N SER E 67 -3.16 -29.50 -13.45
N SER E 67 -3.16 -29.48 -13.45
CA SER E 67 -4.42 -30.21 -13.63
CA SER E 67 -4.40 -30.22 -13.50
C SER E 67 -5.58 -29.28 -13.27
C SER E 67 -5.57 -29.27 -13.27
N GLY E 68 -6.78 -29.78 -13.51
CA GLY E 68 -7.98 -29.07 -13.12
C GLY E 68 -8.90 -28.89 -14.30
N SER E 69 -10.08 -28.37 -13.96
CA SER E 69 -11.13 -28.13 -14.94
C SER E 69 -12.12 -27.14 -14.34
N GLY E 70 -13.00 -26.59 -15.18
CA GLY E 70 -14.06 -25.71 -14.71
C GLY E 70 -13.47 -24.39 -14.24
N THR E 71 -13.52 -24.18 -12.95
CA THR E 71 -12.94 -22.97 -12.38
C THR E 71 -11.82 -23.30 -11.39
N GLN E 72 -11.44 -24.58 -11.23
CA GLN E 72 -10.48 -24.97 -10.21
C GLN E 72 -9.29 -25.69 -10.83
N PHE E 73 -8.11 -25.09 -10.68
CA PHE E 73 -6.88 -25.57 -11.30
C PHE E 73 -5.76 -25.66 -10.28
N THR E 74 -4.80 -26.53 -10.54
CA THR E 74 -3.66 -26.69 -9.65
C THR E 74 -2.38 -26.82 -10.47
N LEU E 75 -1.28 -26.47 -9.80
CA LEU E 75 0.09 -26.73 -10.23
C LEU E 75 0.77 -27.57 -9.15
N THR E 76 1.48 -28.62 -9.56
CA THR E 76 2.22 -29.46 -8.64
C THR E 76 3.69 -29.47 -9.06
N ILE E 77 4.57 -29.36 -8.05
CA ILE E 77 5.99 -29.57 -8.25
C ILE E 77 6.35 -30.85 -7.52
N ASN E 78 6.68 -31.91 -8.29
CA ASN E 78 6.98 -33.23 -7.74
C ASN E 78 8.48 -33.43 -7.58
N GLY E 79 9.00 -33.17 -6.39
CA GLY E 79 10.43 -33.24 -6.15
C GLY E 79 11.09 -31.87 -6.23
N VAL E 80 10.71 -30.98 -5.33
CA VAL E 80 11.14 -29.59 -5.36
C VAL E 80 12.64 -29.51 -5.21
N GLN E 81 13.23 -28.58 -5.96
CA GLN E 81 14.65 -28.28 -5.92
CA GLN E 81 14.65 -28.29 -5.91
C GLN E 81 14.83 -26.84 -5.46
N CYS E 82 16.02 -26.53 -4.95
CA CYS E 82 16.27 -25.16 -4.50
C CYS E 82 16.03 -24.15 -5.62
N ASP E 83 16.24 -24.55 -6.87
CA ASP E 83 16.00 -23.69 -8.01
C ASP E 83 14.53 -23.29 -8.16
N ASP E 84 13.62 -24.07 -7.57
CA ASP E 84 12.19 -23.83 -7.71
C ASP E 84 11.68 -22.71 -6.80
N ALA E 85 12.53 -22.14 -5.96
CA ALA E 85 12.16 -21.02 -5.13
C ALA E 85 11.84 -19.83 -6.03
N ALA E 86 10.59 -19.40 -6.02
CA ALA E 86 10.09 -18.47 -7.01
C ALA E 86 8.65 -18.12 -6.65
N THR E 87 8.11 -17.17 -7.39
CA THR E 87 6.69 -16.88 -7.35
C THR E 87 6.04 -17.45 -8.60
N TYR E 88 4.89 -18.11 -8.40
CA TYR E 88 4.16 -18.78 -9.46
C TYR E 88 2.82 -18.08 -9.64
N TYR E 89 2.50 -17.76 -10.89
CA TYR E 89 1.27 -17.07 -11.25
C TYR E 89 0.45 -17.95 -12.19
N CYS E 90 -0.85 -18.00 -11.96
CA CYS E 90 -1.76 -18.49 -12.97
C CYS E 90 -2.31 -17.33 -13.81
N GLN E 91 -2.77 -17.69 -15.00
CA GLN E 91 -3.29 -16.71 -15.95
C GLN E 91 -4.42 -17.37 -16.72
N GLY E 92 -5.60 -16.74 -16.67
CA GLY E 92 -6.74 -17.22 -17.43
C GLY E 92 -7.01 -16.34 -18.63
N GLU E 93 -7.42 -16.99 -19.73
CA GLU E 93 -8.01 -16.30 -20.87
C GLU E 93 -9.54 -16.40 -20.72
N PHE E 94 -10.22 -15.29 -21.01
CA PHE E 94 -11.66 -15.20 -20.94
C PHE E 94 -12.17 -14.71 -22.29
N SER E 95 -13.48 -14.79 -22.49
CA SER E 95 -14.09 -14.19 -23.67
CA SER E 95 -14.09 -14.19 -23.66
C SER E 95 -13.96 -12.67 -23.59
N CYS E 96 -13.29 -12.07 -24.58
CA CYS E 96 -13.07 -10.63 -24.65
C CYS E 96 -14.39 -9.86 -24.67
N SER E 97 -15.45 -10.46 -25.22
CA SER E 97 -16.69 -9.72 -25.39
C SER E 97 -17.44 -9.62 -24.06
N SER E 98 -17.03 -10.41 -23.06
CA SER E 98 -17.73 -10.59 -21.79
C SER E 98 -16.89 -10.11 -20.59
N ALA E 99 -15.57 -10.00 -20.75
CA ALA E 99 -14.67 -9.69 -19.65
C ALA E 99 -13.34 -9.22 -20.24
N ASP E 100 -12.40 -8.85 -19.38
CA ASP E 100 -11.04 -8.68 -19.85
C ASP E 100 -10.58 -9.97 -20.52
N CYS E 101 -9.86 -9.83 -21.64
CA CYS E 101 -9.44 -11.01 -22.37
C CYS E 101 -8.53 -11.92 -21.52
N ASN E 102 -7.73 -11.34 -20.62
CA ASN E 102 -6.79 -12.10 -19.83
C ASN E 102 -6.69 -11.50 -18.45
N ALA E 103 -6.33 -12.33 -17.47
CA ALA E 103 -6.07 -11.86 -16.11
C ALA E 103 -5.08 -12.83 -15.45
N PHE E 104 -4.32 -12.30 -14.50
CA PHE E 104 -3.42 -13.09 -13.67
C PHE E 104 -3.97 -13.23 -12.27
N GLY E 105 -3.72 -14.40 -11.67
CA GLY E 105 -3.83 -14.54 -10.24
C GLY E 105 -2.79 -13.73 -9.50
N GLY E 106 -2.95 -13.63 -8.17
CA GLY E 106 -2.09 -12.79 -7.37
C GLY E 106 -0.72 -13.37 -7.03
N GLY E 107 -0.49 -14.63 -7.38
CA GLY E 107 0.78 -15.30 -7.18
C GLY E 107 0.82 -16.10 -5.89
N THR E 108 1.65 -17.15 -5.90
CA THR E 108 2.00 -17.93 -4.71
C THR E 108 3.52 -18.03 -4.66
N GLU E 109 4.11 -17.63 -3.53
CA GLU E 109 5.54 -17.81 -3.32
CA GLU E 109 5.54 -17.80 -3.28
C GLU E 109 5.81 -19.23 -2.86
N VAL E 110 6.80 -19.88 -3.45
CA VAL E 110 7.31 -21.16 -2.98
C VAL E 110 8.68 -20.94 -2.38
N VAL E 111 8.80 -21.27 -1.09
CA VAL E 111 10.06 -21.23 -0.35
C VAL E 111 10.56 -22.67 -0.25
N VAL E 112 11.84 -22.87 -0.58
CA VAL E 112 12.37 -24.23 -0.54
C VAL E 112 13.28 -24.39 0.69
N LYS E 113 12.99 -25.38 1.53
CA LYS E 113 13.77 -25.61 2.73
C LYS E 113 15.01 -26.43 2.38
N GLY E 114 16.18 -25.81 2.55
CA GLY E 114 17.44 -26.52 2.39
C GLY E 114 17.96 -26.96 3.77
N ASP E 115 19.20 -27.43 3.79
CA ASP E 115 19.83 -27.79 5.06
C ASP E 115 19.97 -26.53 5.92
N PRO E 116 19.66 -26.58 7.25
CA PRO E 116 19.88 -25.43 8.13
C PRO E 116 21.35 -25.03 8.18
N VAL E 117 21.63 -23.73 7.99
CA VAL E 117 22.98 -23.19 8.02
C VAL E 117 22.91 -21.89 8.82
N ALA E 118 23.74 -21.80 9.87
CA ALA E 118 23.81 -20.60 10.68
C ALA E 118 24.57 -19.52 9.91
N PRO E 119 24.15 -18.23 10.00
CA PRO E 119 24.90 -17.17 9.34
C PRO E 119 26.22 -16.88 10.03
N THR E 120 27.16 -16.36 9.23
CA THR E 120 28.22 -15.52 9.75
C THR E 120 27.89 -14.07 9.39
N VAL E 121 28.54 -13.14 10.08
CA VAL E 121 28.18 -11.73 10.02
C VAL E 121 29.41 -10.88 9.78
N LEU E 122 29.26 -9.85 8.93
CA LEU E 122 30.26 -8.83 8.66
C LEU E 122 29.67 -7.46 8.95
N ILE E 123 30.48 -6.56 9.47
CA ILE E 123 30.09 -5.17 9.62
C ILE E 123 31.13 -4.29 8.95
N PHE E 124 30.65 -3.24 8.29
CA PHE E 124 31.43 -2.34 7.46
C PHE E 124 31.27 -0.90 7.96
N PRO E 125 32.29 -0.33 8.64
CA PRO E 125 32.25 1.08 9.00
C PRO E 125 32.20 1.97 7.75
N PRO E 126 31.72 3.23 7.87
CA PRO E 126 31.60 4.11 6.72
C PRO E 126 32.95 4.54 6.13
N ALA E 127 33.01 4.62 4.79
CA ALA E 127 34.19 5.16 4.12
C ALA E 127 34.40 6.62 4.54
N ALA E 128 35.67 7.03 4.60
CA ALA E 128 36.05 8.28 5.22
C ALA E 128 35.33 9.48 4.60
N ASP E 129 34.96 9.38 3.32
CA ASP E 129 34.36 10.49 2.59
C ASP E 129 32.84 10.59 2.82
N GLN E 130 32.24 9.65 3.56
CA GLN E 130 30.80 9.74 3.78
C GLN E 130 30.46 10.92 4.69
N VAL E 131 31.26 11.08 5.76
CA VAL E 131 30.87 11.96 6.87
C VAL E 131 30.62 13.39 6.40
N ALA E 132 31.42 13.86 5.41
CA ALA E 132 31.32 15.21 4.89
C ALA E 132 29.97 15.47 4.24
N THR E 133 29.29 14.41 3.78
CA THR E 133 28.06 14.58 3.02
C THR E 133 26.89 14.90 3.94
N GLY E 134 27.06 14.71 5.25
CA GLY E 134 26.02 15.00 6.23
C GLY E 134 25.26 13.75 6.69
N THR E 135 25.39 12.64 5.96
CA THR E 135 24.85 11.37 6.43
C THR E 135 25.90 10.29 6.33
N VAL E 136 25.77 9.28 7.19
CA VAL E 136 26.60 8.10 7.12
C VAL E 136 25.72 6.86 7.08
N THR E 137 26.16 5.87 6.31
CA THR E 137 25.46 4.60 6.17
C THR E 137 26.43 3.49 6.57
N ILE E 138 26.05 2.72 7.59
CA ILE E 138 26.79 1.56 8.06
C ILE E 138 26.15 0.32 7.48
N VAL E 139 26.95 -0.64 7.04
CA VAL E 139 26.44 -1.82 6.35
C VAL E 139 26.83 -3.07 7.15
N CYS E 140 25.87 -3.97 7.29
CA CYS E 140 26.02 -5.27 7.93
C CYS E 140 25.56 -6.33 6.95
N VAL E 141 26.29 -7.45 6.88
CA VAL E 141 25.91 -8.53 5.98
C VAL E 141 25.82 -9.83 6.78
N ALA E 142 24.73 -10.57 6.56
CA ALA E 142 24.58 -11.93 7.07
C ALA E 142 24.76 -12.89 5.90
N ASN E 143 25.76 -13.76 6.04
CA ASN E 143 26.21 -14.62 4.95
C ASN E 143 25.59 -16.01 5.03
N LYS E 144 25.11 -16.50 3.86
CA LYS E 144 24.87 -17.91 3.57
C LYS E 144 24.15 -18.63 4.72
N TYR E 145 22.84 -18.41 4.84
CA TYR E 145 22.11 -18.95 5.98
C TYR E 145 20.72 -19.45 5.55
N PHE E 146 20.19 -20.32 6.41
CA PHE E 146 18.83 -20.81 6.28
C PHE E 146 18.46 -21.47 7.60
N PRO E 147 17.26 -21.24 8.19
CA PRO E 147 16.20 -20.39 7.64
C PRO E 147 16.43 -18.90 7.92
N ASP E 148 15.36 -18.12 7.77
CA ASP E 148 15.41 -16.67 7.86
C ASP E 148 15.93 -16.23 9.23
N VAL E 149 16.47 -15.01 9.24
CA VAL E 149 17.01 -14.40 10.44
C VAL E 149 16.29 -13.08 10.70
N THR E 150 16.51 -12.54 11.91
CA THR E 150 16.17 -11.16 12.20
C THR E 150 17.47 -10.40 12.48
N VAL E 151 17.42 -9.09 12.26
CA VAL E 151 18.57 -8.25 12.48
C VAL E 151 18.15 -7.06 13.32
N THR E 152 19.03 -6.69 14.24
CA THR E 152 18.88 -5.47 15.02
C THR E 152 20.23 -4.77 15.07
N TRP E 153 20.17 -3.44 15.19
CA TRP E 153 21.31 -2.56 15.37
C TRP E 153 21.29 -2.01 16.78
N GLU E 154 22.47 -1.91 17.38
CA GLU E 154 22.61 -1.21 18.65
C GLU E 154 23.71 -0.17 18.54
N VAL E 155 23.42 1.06 18.99
CA VAL E 155 24.37 2.14 19.02
C VAL E 155 24.56 2.52 20.49
N ASP E 156 25.77 2.24 21.00
CA ASP E 156 26.08 2.45 22.41
C ASP E 156 25.03 1.75 23.27
N GLY E 157 24.69 0.51 22.89
CA GLY E 157 23.80 -0.33 23.68
C GLY E 157 22.32 -0.12 23.37
N THR E 158 21.95 0.96 22.67
CA THR E 158 20.56 1.30 22.39
C THR E 158 20.12 0.67 21.07
N THR E 159 19.02 -0.11 21.12
CA THR E 159 18.48 -0.73 19.92
C THR E 159 17.89 0.35 19.02
N GLN E 160 18.24 0.31 17.73
CA GLN E 160 17.80 1.33 16.79
C GLN E 160 16.38 1.02 16.33
N THR E 161 15.58 2.08 16.10
CA THR E 161 14.18 1.92 15.77
C THR E 161 13.82 2.68 14.49
N THR E 162 14.82 3.17 13.78
CA THR E 162 14.62 3.86 12.53
C THR E 162 15.95 3.86 11.79
N GLY E 163 15.92 4.21 10.51
CA GLY E 163 17.14 4.32 9.73
C GLY E 163 17.67 2.96 9.26
N ILE E 164 16.87 1.88 9.41
CA ILE E 164 17.32 0.54 9.02
C ILE E 164 16.62 0.10 7.75
N GLU E 165 17.39 -0.38 6.77
CA GLU E 165 16.86 -0.95 5.55
C GLU E 165 17.52 -2.29 5.28
N ASN E 166 16.70 -3.31 4.96
CA ASN E 166 17.20 -4.67 4.80
C ASN E 166 16.89 -5.14 3.39
N SER E 167 17.79 -5.94 2.85
CA SER E 167 17.67 -6.47 1.51
C SER E 167 18.23 -7.88 1.48
N LYS E 168 17.47 -8.81 0.94
CA LYS E 168 17.84 -10.22 0.99
C LYS E 168 18.00 -10.74 -0.44
N THR E 169 19.11 -11.47 -0.69
CA THR E 169 19.25 -12.13 -1.97
C THR E 169 18.23 -13.27 -2.10
N PRO E 170 17.76 -13.55 -3.32
CA PRO E 170 16.88 -14.68 -3.54
C PRO E 170 17.60 -15.97 -3.17
N GLN E 171 16.84 -16.98 -2.74
CA GLN E 171 17.42 -18.25 -2.35
C GLN E 171 18.34 -18.78 -3.45
N ASN E 172 19.50 -19.24 -2.99
CA ASN E 172 20.51 -19.79 -3.88
C ASN E 172 19.96 -21.05 -4.58
N SER E 173 20.20 -21.13 -5.90
CA SER E 173 19.62 -22.17 -6.73
C SER E 173 20.25 -23.54 -6.49
N ALA E 174 21.42 -23.59 -5.82
CA ALA E 174 22.07 -24.84 -5.44
C ALA E 174 21.78 -25.28 -4.00
N ASP E 175 21.85 -24.37 -3.02
CA ASP E 175 21.81 -24.79 -1.63
C ASP E 175 20.73 -24.09 -0.80
N CYS E 176 19.88 -23.27 -1.45
CA CYS E 176 18.67 -22.70 -0.86
C CYS E 176 18.99 -21.54 0.10
N THR E 177 20.26 -21.17 0.28
CA THR E 177 20.61 -20.21 1.32
C THR E 177 20.29 -18.79 0.87
N TYR E 178 20.12 -17.94 1.87
CA TYR E 178 19.95 -16.50 1.70
C TYR E 178 21.25 -15.80 2.06
N ASN E 179 21.34 -14.53 1.63
CA ASN E 179 22.26 -13.55 2.19
C ASN E 179 21.47 -12.29 2.49
N LEU E 180 21.93 -11.49 3.46
CA LEU E 180 21.17 -10.33 3.88
C LEU E 180 22.11 -9.14 4.00
N SER E 181 21.71 -7.99 3.47
CA SER E 181 22.34 -6.73 3.79
C SER E 181 21.36 -5.94 4.67
N SER E 182 21.89 -5.38 5.76
CA SER E 182 21.17 -4.48 6.63
C SER E 182 21.97 -3.19 6.73
N THR E 183 21.35 -2.03 6.45
CA THR E 183 22.03 -0.75 6.50
C THR E 183 21.38 0.11 7.56
N LEU E 184 22.20 0.76 8.39
CA LEU E 184 21.79 1.75 9.36
C LEU E 184 22.29 3.11 8.86
N THR E 185 21.35 4.04 8.66
CA THR E 185 21.69 5.40 8.24
C THR E 185 21.43 6.38 9.40
N LEU E 186 22.42 7.29 9.61
CA LEU E 186 22.41 8.31 10.65
C LEU E 186 22.90 9.64 10.07
N THR E 187 22.58 10.75 10.75
CA THR E 187 23.22 12.00 10.38
C THR E 187 24.69 11.92 10.80
N SER E 188 25.53 12.73 10.16
CA SER E 188 26.93 12.86 10.49
C SER E 188 27.06 13.29 11.96
N THR E 189 26.19 14.22 12.37
CA THR E 189 26.17 14.68 13.75
C THR E 189 25.88 13.53 14.70
N GLN E 190 24.87 12.70 14.37
CA GLN E 190 24.55 11.54 15.17
C GLN E 190 25.70 10.52 15.17
N TYR E 191 26.28 10.23 14.00
CA TYR E 191 27.38 9.29 13.91
C TYR E 191 28.61 9.75 14.68
N ASN E 192 29.06 11.00 14.46
CA ASN E 192 30.25 11.55 15.11
C ASN E 192 29.96 11.85 16.59
N SER E 193 28.86 11.32 17.13
CA SER E 193 28.38 11.61 18.47
C SER E 193 28.15 10.33 19.28
N HIS E 194 28.44 9.15 18.70
CA HIS E 194 28.26 7.89 19.38
C HIS E 194 29.49 7.03 19.10
N LYS E 195 29.71 5.94 19.88
CA LYS E 195 30.95 5.19 19.76
C LYS E 195 30.80 3.75 19.22
N GLU E 196 30.03 2.90 19.92
CA GLU E 196 29.95 1.46 19.64
C GLU E 196 28.77 1.14 18.73
N TYR E 197 29.05 0.62 17.53
CA TYR E 197 28.03 0.20 16.57
C TYR E 197 27.99 -1.32 16.46
N THR E 198 26.82 -1.93 16.67
CA THR E 198 26.67 -3.38 16.70
C THR E 198 25.56 -3.81 15.77
N CYS E 199 25.86 -4.85 14.99
CA CYS E 199 24.87 -5.57 14.22
C CYS E 199 24.68 -6.97 14.82
N LYS E 200 23.44 -7.30 15.15
CA LYS E 200 23.10 -8.57 15.78
C LYS E 200 22.13 -9.32 14.88
N VAL E 201 22.53 -10.53 14.45
CA VAL E 201 21.74 -11.37 13.57
C VAL E 201 21.27 -12.58 14.37
N THR E 202 19.95 -12.77 14.47
CA THR E 202 19.39 -13.85 15.28
C THR E 202 18.67 -14.82 14.35
N GLN E 203 19.01 -16.10 14.53
CA GLN E 203 18.35 -17.22 13.89
C GLN E 203 17.85 -18.16 14.98
N GLY E 204 16.53 -18.22 15.14
CA GLY E 204 15.93 -18.98 16.22
C GLY E 204 16.31 -18.42 17.58
N THR E 205 17.09 -19.21 18.33
CA THR E 205 17.50 -18.93 19.69
C THR E 205 18.93 -18.40 19.71
N THR E 206 19.61 -18.36 18.55
CA THR E 206 21.05 -18.16 18.50
C THR E 206 21.38 -16.84 17.81
N SER E 207 22.23 -16.04 18.44
CA SER E 207 22.58 -14.74 17.89
CA SER E 207 22.59 -14.73 17.92
C SER E 207 24.06 -14.73 17.50
N VAL E 208 24.37 -13.94 16.46
CA VAL E 208 25.73 -13.71 16.00
C VAL E 208 25.89 -12.19 15.92
N VAL E 209 26.99 -11.68 16.48
CA VAL E 209 27.19 -10.25 16.65
C VAL E 209 28.50 -9.86 15.99
N GLN E 210 28.49 -8.67 15.37
CA GLN E 210 29.70 -7.98 14.94
C GLN E 210 29.59 -6.51 15.28
N SER E 211 30.68 -5.94 15.78
CA SER E 211 30.61 -4.54 16.19
C SER E 211 31.94 -3.86 15.92
N PHE E 212 31.91 -2.53 15.86
CA PHE E 212 33.11 -1.71 15.85
C PHE E 212 32.89 -0.47 16.72
N ASN E 213 34.00 0.15 17.15
CA ASN E 213 33.97 1.45 17.80
C ASN E 213 34.40 2.51 16.78
N ARG E 214 33.62 3.58 16.65
CA ARG E 214 33.89 4.64 15.69
C ARG E 214 35.34 5.10 15.77
N GLY E 215 35.86 5.19 17.01
CA GLY E 215 37.21 5.65 17.23
C GLY E 215 38.30 4.76 16.61
N ASP E 216 37.99 3.46 16.48
CA ASP E 216 38.96 2.45 16.10
C ASP E 216 39.04 2.29 14.58
N CYS E 217 38.03 2.78 13.87
CA CYS E 217 37.92 2.62 12.42
C CYS E 217 37.65 3.99 11.76
N HIS F 3 -15.26 -14.73 -35.35
CA HIS F 3 -15.33 -15.01 -33.90
C HIS F 3 -14.01 -15.63 -33.42
N PHE F 4 -13.21 -16.14 -34.37
CA PHE F 4 -11.94 -16.77 -34.06
C PHE F 4 -10.87 -16.34 -35.07
N PRO F 5 -9.61 -16.09 -34.64
CA PRO F 5 -9.20 -15.90 -33.24
C PRO F 5 -10.04 -14.80 -32.60
N GLN F 6 -10.31 -14.91 -31.30
CA GLN F 6 -11.25 -13.95 -30.72
C GLN F 6 -10.69 -12.54 -30.74
N PHE F 7 -9.37 -12.40 -30.76
CA PHE F 7 -8.71 -11.11 -30.70
C PHE F 7 -8.82 -10.35 -32.02
N SEP F 8 -9.15 -11.05 -33.11
CA SEP F 8 -9.12 -10.48 -34.46
CB SEP F 8 -8.68 -11.51 -35.45
OG SEP F 8 -7.38 -12.00 -35.07
C SEP F 8 -10.47 -9.88 -34.85
O SEP F 8 -10.58 -9.45 -35.99
P SEP F 8 -6.14 -11.63 -35.99
O1P SEP F 8 -6.30 -12.34 -37.30
O2P SEP F 8 -6.14 -10.13 -36.19
O3P SEP F 8 -4.92 -12.11 -35.22
N TYR F 9 -11.35 -9.64 -33.70
CA TYR F 9 -12.67 -8.98 -33.80
C TYR F 9 -12.74 -7.99 -32.66
N SER F 10 -13.34 -6.82 -32.93
CA SER F 10 -13.33 -5.73 -31.95
C SER F 10 -14.28 -6.10 -30.80
C1 GOL G . -9.25 8.53 7.67
O1 GOL G . -8.83 7.17 7.56
C2 GOL G . -10.23 8.73 8.82
O2 GOL G . -11.43 8.00 8.61
C3 GOL G . -9.67 8.36 10.18
O3 GOL G . -10.58 8.69 11.22
CL CL H . 0.67 11.01 -9.30
#